data_4HL9
#
_entry.id   4HL9
#
_cell.length_a   176.965
_cell.length_b   44.535
_cell.length_c   137.913
_cell.angle_alpha   90.00
_cell.angle_beta   101.03
_cell.angle_gamma   90.00
#
_symmetry.space_group_name_H-M   'C 1 2 1'
#
loop_
_entity.id
_entity.type
_entity.pdbx_description
1 polymer 'Antibiotic biosynthesis monooxygenase'
2 water water
#
_entity_poly.entity_id   1
_entity_poly.type   'polypeptide(L)'
_entity_poly.pdbx_seq_one_letter_code
;(MSE)HHHHHHSSGVDLGTENLYFQS(MSE)LKVIAQDFIKPEAIDIVLPLYRELVEKTRQEPL(CSO)LAYDLFVDQKD
PGHFVFIEEWPDRAALDIH(CSO)ATEHFTRLVPLINAHQRQDGTVVL(MSE)DAVPA
;
_entity_poly.pdbx_strand_id   A,B,C,D,E,F,G,H,I
#
# COMPACT_ATOMS: atom_id res chain seq x y z
N LEU A 24 33.65 -7.95 -12.90
CA LEU A 24 32.65 -7.67 -13.90
C LEU A 24 32.05 -6.32 -13.54
N LYS A 25 32.04 -5.40 -14.50
CA LYS A 25 31.43 -4.07 -14.31
C LYS A 25 30.11 -4.07 -15.07
N VAL A 26 29.05 -3.50 -14.49
CA VAL A 26 27.76 -3.44 -15.15
C VAL A 26 27.23 -2.01 -15.11
N ILE A 27 26.70 -1.54 -16.23
CA ILE A 27 25.82 -0.36 -16.22
C ILE A 27 24.44 -0.80 -16.70
N ALA A 28 23.42 -0.40 -15.95
CA ALA A 28 22.01 -0.65 -16.23
C ALA A 28 21.31 0.69 -16.20
N GLN A 29 20.41 0.90 -17.15
CA GLN A 29 19.66 2.13 -17.31
C GLN A 29 18.18 1.83 -17.38
N ASP A 30 17.43 2.57 -16.58
CA ASP A 30 15.97 2.51 -16.59
C ASP A 30 15.44 3.87 -17.08
N PHE A 31 14.33 3.85 -17.81
CA PHE A 31 13.66 5.07 -18.26
C PHE A 31 12.26 5.03 -17.72
N ILE A 32 12.03 5.80 -16.67
CA ILE A 32 10.78 5.72 -15.91
C ILE A 32 9.83 6.85 -16.38
N LYS A 33 8.53 6.55 -16.51
CA LYS A 33 7.53 7.58 -16.86
C LYS A 33 7.57 8.69 -15.82
N PRO A 34 7.65 9.96 -16.26
CA PRO A 34 7.81 11.06 -15.32
C PRO A 34 6.78 11.07 -14.19
N GLU A 35 5.53 10.71 -14.51
CA GLU A 35 4.42 10.59 -13.54
C GLU A 35 4.76 9.66 -12.36
N ALA A 36 5.67 8.71 -12.60
CA ALA A 36 5.90 7.59 -11.66
C ALA A 36 7.15 7.73 -10.79
N ILE A 37 7.91 8.82 -10.95
CA ILE A 37 9.21 8.98 -10.32
C ILE A 37 9.11 8.89 -8.80
N ASP A 38 8.12 9.59 -8.22
CA ASP A 38 7.93 9.58 -6.77
C ASP A 38 7.54 8.20 -6.21
N ILE A 39 6.83 7.41 -7.00
CA ILE A 39 6.50 6.03 -6.65
C ILE A 39 7.79 5.17 -6.59
N VAL A 40 8.65 5.32 -7.58
CA VAL A 40 9.78 4.37 -7.73
C VAL A 40 11.01 4.70 -6.87
N LEU A 41 11.17 5.97 -6.51
CA LEU A 41 12.29 6.37 -5.68
C LEU A 41 12.48 5.50 -4.41
N PRO A 42 11.41 5.30 -3.59
CA PRO A 42 11.57 4.47 -2.39
C PRO A 42 11.97 3.02 -2.70
N LEU A 43 11.50 2.51 -3.84
CA LEU A 43 11.82 1.18 -4.33
C LEU A 43 13.31 1.09 -4.68
N TYR A 44 13.79 2.08 -5.44
CA TYR A 44 15.22 2.19 -5.76
C TYR A 44 16.09 2.28 -4.48
N ARG A 45 15.65 3.07 -3.50
CA ARG A 45 16.42 3.20 -2.25
C ARG A 45 16.58 1.86 -1.50
N GLU A 46 15.50 1.09 -1.41
CA GLU A 46 15.55 -0.25 -0.81
C GLU A 46 16.41 -1.20 -1.66
N LEU A 47 16.24 -1.17 -2.98
CA LEU A 47 17.05 -2.00 -3.88
C LEU A 47 18.56 -1.76 -3.63
N VAL A 48 18.95 -0.49 -3.55
CA VAL A 48 20.35 -0.13 -3.33
C VAL A 48 20.83 -0.63 -1.96
N GLU A 49 20.05 -0.35 -0.92
CA GLU A 49 20.41 -0.77 0.44
C GLU A 49 20.58 -2.30 0.57
N LYS A 50 19.63 -3.07 0.04
CA LYS A 50 19.66 -4.53 0.13
C LYS A 50 20.74 -5.15 -0.75
N THR A 51 20.92 -4.56 -1.93
CA THR A 51 21.94 -5.07 -2.85
C THR A 51 23.33 -4.91 -2.25
N ARG A 52 23.59 -3.75 -1.63
CA ARG A 52 24.90 -3.48 -1.00
C ARG A 52 25.19 -4.44 0.15
N GLN A 53 24.15 -5.01 0.74
CA GLN A 53 24.28 -6.04 1.77
C GLN A 53 24.51 -7.45 1.23
N GLU A 54 24.51 -7.63 -0.10
CA GLU A 54 24.82 -8.96 -0.65
C GLU A 54 26.29 -9.23 -0.40
N PRO A 55 26.61 -10.45 0.10
CA PRO A 55 28.00 -10.83 0.40
C PRO A 55 28.97 -10.55 -0.76
N LEU A 56 28.54 -10.85 -1.98
CA LEU A 56 29.38 -10.77 -3.18
C LEU A 56 29.36 -9.43 -3.93
N LEU A 58 30.51 -5.92 -4.81
CA LEU A 58 31.70 -5.11 -4.58
C LEU A 58 31.37 -3.62 -4.54
N ALA A 59 30.58 -3.13 -5.50
CA ALA A 59 30.11 -1.74 -5.47
C ALA A 59 28.75 -1.64 -6.18
N TYR A 60 27.90 -0.74 -5.70
CA TYR A 60 26.57 -0.62 -6.32
C TYR A 60 26.08 0.77 -6.00
N ASP A 61 25.92 1.58 -7.03
CA ASP A 61 25.62 2.99 -6.84
C ASP A 61 24.62 3.40 -7.91
N LEU A 62 23.70 4.26 -7.53
CA LEU A 62 22.62 4.65 -8.40
C LEU A 62 22.71 6.16 -8.65
N PHE A 63 22.50 6.54 -9.90
CA PHE A 63 22.60 7.95 -10.32
C PHE A 63 21.40 8.31 -11.13
N VAL A 64 21.21 9.61 -11.33
CA VAL A 64 20.12 10.09 -12.17
C VAL A 64 20.66 11.12 -13.18
N ASP A 65 20.13 11.06 -14.39
CA ASP A 65 20.50 11.93 -15.53
C ASP A 65 20.10 13.36 -15.17
N GLN A 66 21.02 14.31 -15.38
CA GLN A 66 20.73 15.72 -15.01
C GLN A 66 19.63 16.36 -15.87
N LYS A 67 19.41 15.79 -17.05
CA LYS A 67 18.40 16.33 -17.99
C LYS A 67 17.12 15.48 -18.11
N ASP A 68 17.03 14.41 -17.31
CA ASP A 68 15.87 13.52 -17.30
C ASP A 68 15.77 12.85 -15.90
N PRO A 69 14.95 13.43 -15.01
CA PRO A 69 14.81 12.96 -13.62
C PRO A 69 14.22 11.56 -13.50
N GLY A 70 13.78 11.03 -14.63
CA GLY A 70 13.31 9.64 -14.69
C GLY A 70 14.29 8.67 -15.29
N HIS A 71 15.50 9.13 -15.65
CA HIS A 71 16.48 8.25 -16.32
C HIS A 71 17.48 7.86 -15.24
N PHE A 72 17.35 6.62 -14.74
CA PHE A 72 18.19 6.18 -13.61
C PHE A 72 19.27 5.26 -14.14
N VAL A 73 20.45 5.35 -13.53
CA VAL A 73 21.60 4.58 -14.00
C VAL A 73 22.29 3.90 -12.81
N PHE A 74 22.41 2.58 -12.92
CA PHE A 74 23.13 1.78 -11.95
C PHE A 74 24.56 1.58 -12.44
N ILE A 75 25.54 1.73 -11.55
CA ILE A 75 26.90 1.34 -11.86
C ILE A 75 27.27 0.30 -10.82
N GLU A 76 27.63 -0.90 -11.29
CA GLU A 76 27.78 -2.03 -10.38
C GLU A 76 29.12 -2.70 -10.65
N GLU A 77 29.67 -3.32 -9.61
CA GLU A 77 30.86 -4.13 -9.78
C GLU A 77 30.61 -5.44 -9.03
N TRP A 78 30.83 -6.53 -9.75
CA TRP A 78 30.66 -7.89 -9.21
C TRP A 78 31.98 -8.68 -9.40
N PRO A 79 32.23 -9.69 -8.54
CA PRO A 79 33.41 -10.59 -8.75
C PRO A 79 33.40 -11.32 -10.10
N ASP A 80 32.22 -11.79 -10.51
CA ASP A 80 32.04 -12.49 -11.77
C ASP A 80 30.56 -12.56 -12.09
N ARG A 81 30.26 -13.19 -13.22
CA ARG A 81 28.91 -13.41 -13.68
C ARG A 81 28.02 -14.20 -12.72
N ALA A 82 28.60 -15.22 -12.08
CA ALA A 82 27.90 -16.03 -11.08
C ALA A 82 27.36 -15.19 -9.92
N ALA A 83 28.16 -14.25 -9.46
CA ALA A 83 27.70 -13.36 -8.39
C ALA A 83 26.55 -12.46 -8.91
N LEU A 84 26.61 -12.09 -10.19
CA LEU A 84 25.50 -11.31 -10.78
C LEU A 84 24.22 -12.17 -10.89
N ASP A 85 24.37 -13.45 -11.23
CA ASP A 85 23.20 -14.35 -11.29
C ASP A 85 22.52 -14.49 -9.92
N ILE A 86 23.31 -14.46 -8.84
CA ILE A 86 22.81 -14.54 -7.47
C ILE A 86 22.03 -13.26 -7.19
N HIS A 87 22.63 -12.12 -7.55
CA HIS A 87 21.96 -10.83 -7.41
C HIS A 87 20.59 -10.86 -8.06
N ALA A 89 18.61 -13.30 -8.68
CA ALA A 89 17.66 -14.23 -8.02
C ALA A 89 17.24 -13.83 -6.60
N THR A 90 17.84 -12.78 -6.03
CA THR A 90 17.56 -12.41 -4.65
C THR A 90 16.11 -12.01 -4.45
N GLU A 91 15.64 -12.09 -3.22
CA GLU A 91 14.29 -11.65 -2.89
C GLU A 91 14.09 -10.17 -3.27
N HIS A 92 15.03 -9.31 -2.88
CA HIS A 92 14.88 -7.89 -3.12
C HIS A 92 14.87 -7.54 -4.62
N PHE A 93 15.76 -8.14 -5.41
CA PHE A 93 15.74 -7.93 -6.87
C PHE A 93 14.42 -8.38 -7.52
N THR A 94 14.01 -9.63 -7.25
CA THR A 94 12.83 -10.18 -7.87
C THR A 94 11.51 -9.52 -7.40
N ARG A 95 11.52 -8.92 -6.22
CA ARG A 95 10.35 -8.18 -5.76
C ARG A 95 10.38 -6.74 -6.32
N LEU A 96 11.51 -6.05 -6.11
CA LEU A 96 11.58 -4.61 -6.39
C LEU A 96 11.62 -4.24 -7.86
N VAL A 97 12.37 -5.00 -8.67
CA VAL A 97 12.63 -4.65 -10.06
C VAL A 97 11.39 -4.66 -10.97
N PRO A 98 10.55 -5.72 -10.88
CA PRO A 98 9.30 -5.66 -11.64
C PRO A 98 8.38 -4.52 -11.16
N LEU A 99 8.37 -4.22 -9.86
CA LEU A 99 7.56 -3.11 -9.36
C LEU A 99 8.01 -1.75 -9.93
N ILE A 100 9.32 -1.60 -10.13
CA ILE A 100 9.91 -0.47 -10.81
C ILE A 100 9.59 -0.47 -12.28
N ASN A 101 9.81 -1.61 -12.93
CA ASN A 101 9.61 -1.71 -14.37
C ASN A 101 8.15 -1.58 -14.82
N ALA A 102 7.22 -1.80 -13.92
CA ALA A 102 5.79 -1.54 -14.20
C ALA A 102 5.58 -0.12 -14.75
N HIS A 103 6.46 0.79 -14.34
CA HIS A 103 6.37 2.18 -14.74
C HIS A 103 7.36 2.66 -15.83
N GLN A 104 8.04 1.74 -16.52
CA GLN A 104 9.03 2.14 -17.53
C GLN A 104 8.39 2.79 -18.77
N ARG A 105 9.07 3.77 -19.35
CA ARG A 105 8.56 4.38 -20.58
C ARG A 105 9.03 3.63 -21.83
N GLN A 106 10.14 2.91 -21.70
CA GLN A 106 10.74 2.09 -22.77
C GLN A 106 11.51 0.99 -22.05
N ASP A 107 11.90 -0.07 -22.76
CA ASP A 107 12.75 -1.10 -22.17
C ASP A 107 14.05 -0.49 -21.63
N GLY A 108 14.54 -1.06 -20.53
CA GLY A 108 15.84 -0.66 -19.98
C GLY A 108 16.96 -1.31 -20.76
N THR A 109 18.19 -0.94 -20.43
CA THR A 109 19.35 -1.58 -21.03
C THR A 109 20.34 -2.03 -19.95
N VAL A 110 21.11 -3.08 -20.26
CA VAL A 110 22.13 -3.55 -19.33
C VAL A 110 23.38 -3.81 -20.15
N VAL A 111 24.54 -3.30 -19.71
CA VAL A 111 25.83 -3.60 -20.38
C VAL A 111 26.75 -4.30 -19.39
N LEU A 112 27.24 -5.49 -19.76
CA LEU A 112 28.25 -6.22 -18.99
C LEU A 112 29.66 -5.94 -19.57
N ASP A 114 34.26 -5.67 -19.19
CA ASP A 114 35.60 -5.90 -18.65
C ASP A 114 36.36 -4.59 -18.62
N ALA A 115 37.26 -4.47 -17.64
CA ALA A 115 38.20 -3.35 -17.63
C ALA A 115 39.05 -3.39 -18.91
N VAL A 116 39.35 -2.22 -19.48
CA VAL A 116 40.32 -2.12 -20.56
C VAL A 116 41.70 -1.96 -19.90
N PRO A 117 42.60 -2.94 -20.15
CA PRO A 117 43.95 -2.88 -19.57
C PRO A 117 44.78 -1.81 -20.27
N LEU B 24 29.91 15.22 -10.03
CA LEU B 24 29.36 15.04 -11.34
C LEU B 24 29.84 13.67 -11.80
N LYS B 25 28.91 12.77 -12.10
CA LYS B 25 29.27 11.42 -12.60
C LYS B 25 28.93 11.40 -14.10
N VAL B 26 29.81 10.78 -14.89
CA VAL B 26 29.65 10.83 -16.33
C VAL B 26 29.83 9.41 -16.88
N ILE B 27 28.98 9.01 -17.81
CA ILE B 27 29.20 7.81 -18.60
C ILE B 27 29.23 8.26 -20.03
N ALA B 28 30.30 7.92 -20.76
CA ALA B 28 30.43 8.22 -22.17
C ALA B 28 30.66 6.89 -22.87
N GLN B 29 30.02 6.71 -24.03
CA GLN B 29 30.15 5.47 -24.79
C GLN B 29 30.58 5.78 -26.20
N ASP B 30 31.53 4.98 -26.72
CA ASP B 30 31.97 5.08 -28.11
C ASP B 30 31.66 3.75 -28.76
N PHE B 31 31.41 3.78 -30.06
CA PHE B 31 31.12 2.60 -30.90
C PHE B 31 32.07 2.67 -32.07
N ILE B 32 33.07 1.82 -32.04
CA ILE B 32 34.18 1.87 -32.95
C ILE B 32 34.01 0.73 -33.97
N LYS B 33 34.24 1.05 -35.25
CA LYS B 33 34.26 0.05 -36.34
C LYS B 33 35.24 -1.08 -36.00
N PRO B 34 34.81 -2.35 -36.14
CA PRO B 34 35.63 -3.48 -35.74
C PRO B 34 37.02 -3.50 -36.38
N GLU B 35 37.11 -3.07 -37.63
CA GLU B 35 38.40 -3.05 -38.30
C GLU B 35 39.39 -2.05 -37.67
N ALA B 36 38.86 -1.17 -36.81
CA ALA B 36 39.68 -0.09 -36.21
C ALA B 36 40.02 -0.28 -34.73
N ILE B 37 39.60 -1.40 -34.14
CA ILE B 37 39.81 -1.61 -32.69
C ILE B 37 41.29 -1.59 -32.32
N ASP B 38 42.13 -2.27 -33.09
CA ASP B 38 43.56 -2.33 -32.82
C ASP B 38 44.26 -0.96 -32.93
N ILE B 39 43.74 -0.10 -33.79
CA ILE B 39 44.27 1.25 -33.96
C ILE B 39 43.91 2.14 -32.74
N VAL B 40 42.67 2.05 -32.28
CA VAL B 40 42.22 2.96 -31.20
C VAL B 40 42.67 2.58 -29.81
N LEU B 41 42.92 1.29 -29.56
CA LEU B 41 43.31 0.86 -28.22
C LEU B 41 44.53 1.61 -27.62
N PRO B 42 45.61 1.85 -28.40
CA PRO B 42 46.67 2.62 -27.73
C PRO B 42 46.29 4.10 -27.52
N LEU B 43 45.38 4.61 -28.32
CA LEU B 43 44.90 5.98 -28.16
C LEU B 43 44.07 6.09 -26.85
N TYR B 44 43.18 5.12 -26.63
CA TYR B 44 42.44 5.01 -25.38
C TYR B 44 43.35 4.90 -24.16
N ARG B 45 44.38 4.04 -24.24
CA ARG B 45 45.32 3.89 -23.13
C ARG B 45 45.99 5.21 -22.74
N GLU B 46 46.38 6.01 -23.72
CA GLU B 46 47.07 7.26 -23.47
C GLU B 46 46.08 8.30 -22.92
N LEU B 47 44.87 8.31 -23.49
CA LEU B 47 43.80 9.19 -23.02
C LEU B 47 43.51 8.96 -21.55
N VAL B 48 43.38 7.69 -21.17
CA VAL B 48 43.15 7.32 -19.78
C VAL B 48 44.31 7.72 -18.86
N GLU B 49 45.53 7.39 -19.27
CA GLU B 49 46.72 7.74 -18.49
C GLU B 49 46.84 9.27 -18.25
N LYS B 50 46.65 10.05 -19.30
CA LYS B 50 46.79 11.51 -19.20
C LYS B 50 45.60 12.15 -18.48
N THR B 51 44.42 11.58 -18.67
CA THR B 51 43.24 12.15 -18.01
C THR B 51 43.31 11.95 -16.51
N ARG B 52 43.77 10.78 -16.08
CA ARG B 52 43.90 10.54 -14.65
C ARG B 52 44.92 11.47 -14.00
N GLN B 53 45.78 12.06 -14.81
CA GLN B 53 46.79 13.00 -14.29
C GLN B 53 46.25 14.42 -14.19
N GLU B 54 45.05 14.69 -14.72
CA GLU B 54 44.44 16.02 -14.56
C GLU B 54 44.19 16.21 -13.05
N PRO B 55 44.67 17.35 -12.47
CA PRO B 55 44.45 17.57 -11.03
C PRO B 55 42.98 17.45 -10.61
N LEU B 56 42.06 17.87 -11.47
CA LEU B 56 40.64 17.86 -11.10
C LEU B 56 39.94 16.51 -11.31
N LEU B 58 38.65 13.13 -10.56
CA LEU B 58 38.42 12.30 -9.37
C LEU B 58 38.48 10.80 -9.67
N ALA B 59 37.90 10.38 -10.78
CA ALA B 59 38.04 8.96 -11.20
C ALA B 59 37.90 8.92 -12.69
N TYR B 60 38.54 7.95 -13.34
CA TYR B 60 38.37 7.81 -14.76
C TYR B 60 38.83 6.43 -15.14
N ASP B 61 37.89 5.66 -15.66
CA ASP B 61 38.14 4.23 -15.95
C ASP B 61 37.44 3.88 -17.23
N LEU B 62 38.05 2.94 -17.97
CA LEU B 62 37.60 2.60 -19.30
C LEU B 62 37.29 1.12 -19.33
N PHE B 63 36.15 0.78 -19.92
CA PHE B 63 35.67 -0.60 -19.98
C PHE B 63 35.26 -0.92 -21.40
N VAL B 64 35.07 -2.21 -21.68
CA VAL B 64 34.63 -2.66 -22.99
C VAL B 64 33.49 -3.67 -22.83
N ASP B 65 32.50 -3.57 -23.71
CA ASP B 65 31.27 -4.38 -23.68
C ASP B 65 31.69 -5.85 -23.98
N GLN B 66 31.27 -6.77 -23.13
CA GLN B 66 31.60 -8.21 -23.28
C GLN B 66 31.06 -8.82 -24.56
N LYS B 67 30.02 -8.19 -25.11
CA LYS B 67 29.34 -8.67 -26.30
C LYS B 67 29.61 -7.78 -27.51
N ASP B 68 30.54 -6.82 -27.38
CA ASP B 68 30.94 -5.94 -28.52
C ASP B 68 32.30 -5.30 -28.21
N PRO B 69 33.38 -5.91 -28.72
CA PRO B 69 34.76 -5.45 -28.48
C PRO B 69 35.06 -4.03 -29.00
N GLY B 70 34.12 -3.43 -29.71
CA GLY B 70 34.25 -2.08 -30.24
C GLY B 70 33.40 -1.07 -29.49
N HIS B 71 32.71 -1.53 -28.45
CA HIS B 71 31.80 -0.68 -27.64
C HIS B 71 32.51 -0.39 -26.33
N PHE B 72 33.05 0.83 -26.25
CA PHE B 72 33.89 1.24 -25.13
C PHE B 72 33.09 2.19 -24.26
N VAL B 73 33.31 2.11 -22.95
CA VAL B 73 32.54 2.84 -21.96
C VAL B 73 33.48 3.48 -20.94
N PHE B 74 33.39 4.79 -20.82
CA PHE B 74 34.14 5.53 -19.80
C PHE B 74 33.20 5.82 -18.64
N ILE B 75 33.68 5.62 -17.43
CA ILE B 75 32.97 6.03 -16.22
C ILE B 75 33.90 7.03 -15.54
N GLU B 76 33.39 8.25 -15.33
CA GLU B 76 34.21 9.39 -14.93
C GLU B 76 33.57 10.03 -13.71
N GLU B 77 34.40 10.69 -12.89
CA GLU B 77 33.89 11.50 -11.78
C GLU B 77 34.67 12.82 -11.71
N TRP B 78 33.94 13.92 -11.61
CA TRP B 78 34.52 15.25 -11.62
C TRP B 78 33.86 15.99 -10.45
N PRO B 79 34.53 17.02 -9.88
CA PRO B 79 33.91 17.75 -8.76
C PRO B 79 32.72 18.56 -9.21
N ASP B 80 32.72 18.95 -10.47
CA ASP B 80 31.69 19.78 -11.04
C ASP B 80 31.86 19.91 -12.53
N ARG B 81 30.92 20.58 -13.19
CA ARG B 81 30.91 20.75 -14.63
C ARG B 81 32.10 21.57 -15.14
N ALA B 82 32.53 22.57 -14.36
CA ALA B 82 33.71 23.37 -14.73
C ALA B 82 34.93 22.50 -15.04
N ALA B 83 35.13 21.48 -14.21
CA ALA B 83 36.25 20.57 -14.34
C ALA B 83 36.10 19.69 -15.61
N LEU B 84 34.86 19.35 -15.96
CA LEU B 84 34.60 18.64 -17.21
C LEU B 84 34.97 19.53 -18.40
N ASP B 85 34.57 20.80 -18.34
CA ASP B 85 34.91 21.78 -19.38
C ASP B 85 36.39 21.83 -19.62
N ILE B 86 37.15 21.78 -18.52
CA ILE B 86 38.58 21.88 -18.56
C ILE B 86 39.17 20.61 -19.17
N HIS B 87 38.65 19.47 -18.73
CA HIS B 87 38.98 18.19 -19.32
C HIS B 87 38.87 18.27 -20.84
N ALA B 89 39.11 20.75 -22.82
CA ALA B 89 40.08 21.66 -23.43
C ALA B 89 41.53 21.16 -23.38
N THR B 90 41.80 20.06 -22.67
CA THR B 90 43.19 19.58 -22.57
C THR B 90 43.73 19.18 -23.95
N GLU B 91 45.05 19.22 -24.11
CA GLU B 91 45.66 18.80 -25.38
C GLU B 91 45.44 17.30 -25.65
N HIS B 92 45.53 16.49 -24.61
CA HIS B 92 45.26 15.06 -24.79
C HIS B 92 43.84 14.79 -25.27
N PHE B 93 42.85 15.52 -24.75
CA PHE B 93 41.47 15.33 -25.20
C PHE B 93 41.32 15.84 -26.63
N THR B 94 41.77 17.06 -26.89
CA THR B 94 41.62 17.65 -28.23
C THR B 94 42.41 16.93 -29.32
N ARG B 95 43.47 16.24 -28.95
CA ARG B 95 44.25 15.49 -29.92
C ARG B 95 43.66 14.08 -30.12
N LEU B 96 43.54 13.34 -29.02
CA LEU B 96 43.19 11.91 -29.05
C LEU B 96 41.74 11.63 -29.45
N VAL B 97 40.81 12.47 -28.97
CA VAL B 97 39.39 12.21 -29.18
C VAL B 97 39.01 12.21 -30.67
N PRO B 98 39.44 13.23 -31.45
CA PRO B 98 39.14 13.13 -32.89
C PRO B 98 39.87 12.01 -33.63
N LEU B 99 41.06 11.61 -33.17
CA LEU B 99 41.80 10.49 -33.75
C LEU B 99 40.99 9.18 -33.57
N ILE B 100 40.33 9.09 -32.41
CA ILE B 100 39.46 7.97 -32.10
C ILE B 100 38.14 8.01 -32.86
N ASN B 101 37.50 9.17 -32.85
CA ASN B 101 36.20 9.35 -33.48
C ASN B 101 36.23 9.25 -35.00
N ALA B 102 37.43 9.36 -35.58
CA ALA B 102 37.60 9.19 -37.04
C ALA B 102 37.21 7.76 -37.45
N HIS B 103 37.24 6.85 -36.49
CA HIS B 103 36.92 5.44 -36.71
C HIS B 103 35.59 4.99 -36.12
N GLN B 104 34.72 5.93 -35.81
CA GLN B 104 33.45 5.56 -35.20
C GLN B 104 32.46 4.92 -36.20
N ARG B 105 31.69 3.98 -35.68
CA ARG B 105 30.62 3.26 -36.38
C ARG B 105 29.32 4.08 -36.34
N GLN B 106 29.18 4.85 -35.26
CA GLN B 106 28.01 5.70 -35.04
C GLN B 106 28.37 6.71 -33.96
N ASP B 107 27.54 7.74 -33.78
CA ASP B 107 27.87 8.78 -32.82
C ASP B 107 27.96 8.15 -31.43
N GLY B 108 28.88 8.67 -30.62
CA GLY B 108 28.98 8.29 -29.22
C GLY B 108 27.87 8.96 -28.44
N THR B 109 27.74 8.60 -27.17
CA THR B 109 26.71 9.20 -26.29
C THR B 109 27.42 9.62 -25.03
N VAL B 110 26.88 10.64 -24.36
CA VAL B 110 27.39 11.02 -23.05
C VAL B 110 26.20 11.32 -22.14
N VAL B 111 26.28 10.87 -20.88
CA VAL B 111 25.26 11.20 -19.87
C VAL B 111 25.95 11.82 -18.62
N LEU B 112 25.45 12.99 -18.18
CA LEU B 112 25.94 13.68 -16.97
C LEU B 112 24.95 13.40 -15.86
N ASP B 114 23.82 13.00 -11.42
CA ASP B 114 23.85 13.21 -9.98
C ASP B 114 23.67 11.88 -9.25
N ALA B 115 24.37 11.70 -8.13
CA ALA B 115 24.05 10.59 -7.23
C ALA B 115 22.59 10.69 -6.75
N VAL B 116 21.94 9.54 -6.64
CA VAL B 116 20.64 9.44 -5.98
C VAL B 116 20.92 9.11 -4.50
N PRO B 117 20.55 10.01 -3.57
CA PRO B 117 20.81 9.80 -2.13
C PRO B 117 20.06 8.61 -1.50
N LEU C 24 -20.69 32.87 8.69
CA LEU C 24 -19.93 31.77 8.11
C LEU C 24 -19.19 31.05 9.25
N LYS C 25 -19.32 29.73 9.27
CA LYS C 25 -18.62 28.92 10.27
C LYS C 25 -17.47 28.18 9.62
N VAL C 26 -16.32 28.19 10.29
CA VAL C 26 -15.11 27.61 9.73
C VAL C 26 -14.41 26.73 10.75
N ILE C 27 -14.13 25.50 10.34
CA ILE C 27 -13.22 24.62 11.06
C ILE C 27 -11.98 24.38 10.21
N ALA C 28 -10.83 24.81 10.74
CA ALA C 28 -9.54 24.72 10.07
C ALA C 28 -8.59 23.86 10.90
N GLN C 29 -7.89 22.93 10.24
CA GLN C 29 -7.04 21.97 10.91
C GLN C 29 -5.59 22.05 10.41
N ASP C 30 -4.64 22.14 11.34
CA ASP C 30 -3.20 22.08 11.04
C ASP C 30 -2.64 20.78 11.57
N PHE C 31 -1.60 20.28 10.90
CA PHE C 31 -0.93 19.07 11.34
C PHE C 31 0.55 19.38 11.40
N ILE C 32 1.07 19.54 12.61
CA ILE C 32 2.43 20.01 12.81
C ILE C 32 3.35 18.88 13.29
N LYS C 33 4.49 18.72 12.61
CA LYS C 33 5.55 17.82 13.08
C LYS C 33 5.81 18.00 14.57
N PRO C 34 5.77 16.89 15.35
CA PRO C 34 5.93 16.95 16.81
C PRO C 34 7.17 17.72 17.29
N GLU C 35 8.32 17.51 16.64
CA GLU C 35 9.58 18.23 16.96
C GLU C 35 9.35 19.74 17.06
N ALA C 36 8.35 20.22 16.33
CA ALA C 36 8.22 21.65 16.08
C ALA C 36 7.14 22.32 16.92
N ILE C 37 6.51 21.56 17.82
CA ILE C 37 5.37 22.06 18.57
C ILE C 37 5.74 23.25 19.44
N ASP C 38 6.86 23.16 20.15
CA ASP C 38 7.31 24.25 21.00
C ASP C 38 7.71 25.48 20.18
N ILE C 39 8.13 25.29 18.94
CA ILE C 39 8.35 26.43 18.01
C ILE C 39 7.03 27.10 17.62
N VAL C 40 6.06 26.29 17.20
CA VAL C 40 4.81 26.85 16.68
C VAL C 40 3.88 27.47 17.74
N LEU C 41 3.92 26.97 18.97
CA LEU C 41 3.01 27.47 20.03
C LEU C 41 3.04 28.98 20.25
N PRO C 42 4.24 29.59 20.39
CA PRO C 42 4.25 31.05 20.52
C PRO C 42 3.71 31.78 19.29
N LEU C 43 3.88 31.18 18.12
CA LEU C 43 3.34 31.71 16.86
C LEU C 43 1.82 31.60 16.79
N TYR C 44 1.27 30.48 17.26
CA TYR C 44 -0.19 30.32 17.33
C TYR C 44 -0.80 31.35 18.31
N ARG C 45 -0.16 31.53 19.46
CA ARG C 45 -0.65 32.48 20.48
C ARG C 45 -0.82 33.87 19.89
N GLU C 46 0.19 34.32 19.14
CA GLU C 46 0.17 35.62 18.52
C GLU C 46 -0.91 35.67 17.46
N LEU C 47 -1.01 34.64 16.62
CA LEU C 47 -2.04 34.54 15.60
C LEU C 47 -3.47 34.68 16.19
N VAL C 48 -3.74 33.97 17.29
CA VAL C 48 -5.06 34.01 17.95
C VAL C 48 -5.36 35.40 18.51
N GLU C 49 -4.46 35.89 19.35
CA GLU C 49 -4.56 37.21 19.96
C GLU C 49 -4.84 38.31 18.93
N LYS C 50 -4.08 38.31 17.84
CA LYS C 50 -4.22 39.30 16.78
C LYS C 50 -5.45 39.09 15.90
N THR C 51 -5.82 37.84 15.63
CA THR C 51 -7.01 37.58 14.81
C THR C 51 -8.28 38.08 15.51
N ARG C 52 -8.27 38.05 16.83
CA ARG C 52 -9.41 38.48 17.64
C ARG C 52 -9.62 39.98 17.60
N GLN C 53 -8.54 40.73 17.33
CA GLN C 53 -8.60 42.19 17.21
C GLN C 53 -8.97 42.63 15.80
N GLU C 54 -9.04 41.67 14.87
CA GLU C 54 -9.60 41.97 13.57
C GLU C 54 -11.04 42.46 13.79
N PRO C 55 -11.37 43.66 13.28
CA PRO C 55 -12.71 44.25 13.44
C PRO C 55 -13.83 43.28 13.10
N LEU C 56 -13.70 42.58 11.98
CA LEU C 56 -14.73 41.66 11.50
C LEU C 56 -14.82 40.29 12.23
N LEU C 58 -15.72 37.52 14.60
CA LEU C 58 -16.78 37.23 15.57
C LEU C 58 -16.30 36.27 16.65
N ALA C 59 -15.65 35.19 16.23
CA ALA C 59 -15.05 34.22 17.17
C ALA C 59 -13.86 33.52 16.52
N TYR C 60 -12.82 33.32 17.32
CA TYR C 60 -11.57 32.65 16.90
C TYR C 60 -10.99 31.96 18.12
N ASP C 61 -11.01 30.62 18.11
CA ASP C 61 -10.48 29.85 19.25
C ASP C 61 -9.64 28.66 18.74
N LEU C 62 -8.58 28.37 19.48
CA LEU C 62 -7.64 27.36 19.06
C LEU C 62 -7.64 26.17 20.00
N PHE C 63 -7.64 24.98 19.43
CA PHE C 63 -7.67 23.77 20.25
C PHE C 63 -6.64 22.79 19.77
N VAL C 64 -6.37 21.79 20.60
CA VAL C 64 -5.52 20.69 20.22
C VAL C 64 -6.19 19.37 20.53
N ASP C 65 -6.09 18.45 19.58
CA ASP C 65 -6.58 17.10 19.67
C ASP C 65 -6.00 16.41 20.93
N GLN C 66 -6.87 15.77 21.72
CA GLN C 66 -6.43 15.04 22.91
C GLN C 66 -5.59 13.82 22.55
N LYS C 67 -5.75 13.33 21.32
CA LYS C 67 -5.04 12.13 20.86
C LYS C 67 -3.90 12.40 19.86
N ASP C 68 -3.54 13.68 19.70
CA ASP C 68 -2.46 14.08 18.81
C ASP C 68 -2.10 15.54 19.10
N PRO C 69 -0.98 15.77 19.83
CA PRO C 69 -0.59 17.11 20.28
C PRO C 69 -0.05 17.97 19.12
N GLY C 70 0.11 17.36 17.94
CA GLY C 70 0.47 18.11 16.73
C GLY C 70 -0.73 18.45 15.84
N HIS C 71 -1.92 18.04 16.26
CA HIS C 71 -3.15 18.28 15.48
C HIS C 71 -3.90 19.45 16.09
N PHE C 72 -3.78 20.61 15.45
CA PHE C 72 -4.36 21.85 15.95
C PHE C 72 -5.63 22.17 15.18
N VAL C 73 -6.63 22.68 15.89
CA VAL C 73 -7.92 22.96 15.30
C VAL C 73 -8.38 24.34 15.68
N PHE C 74 -8.67 25.13 14.64
CA PHE C 74 -9.28 26.44 14.77
C PHE C 74 -10.80 26.32 14.54
N ILE C 75 -11.56 26.94 15.42
CA ILE C 75 -12.99 27.09 15.18
C ILE C 75 -13.27 28.59 15.00
N GLU C 76 -13.82 28.93 13.83
CA GLU C 76 -13.97 30.34 13.46
C GLU C 76 -15.40 30.74 13.15
N GLU C 77 -15.76 31.95 13.58
CA GLU C 77 -17.04 32.61 13.25
C GLU C 77 -16.77 33.91 12.46
N TRP C 78 -17.17 33.94 11.19
CA TRP C 78 -16.99 35.12 10.32
C TRP C 78 -18.33 35.60 9.75
N PRO C 79 -18.51 36.95 9.60
CA PRO C 79 -19.73 37.49 8.98
C PRO C 79 -20.00 36.89 7.59
N ASP C 80 -18.97 36.87 6.74
CA ASP C 80 -19.09 36.31 5.39
C ASP C 80 -17.74 35.84 4.84
N ARG C 81 -17.78 35.19 3.67
CA ARG C 81 -16.60 34.69 2.97
C ARG C 81 -15.58 35.81 2.62
N ALA C 82 -16.07 37.04 2.48
CA ALA C 82 -15.21 38.20 2.23
C ALA C 82 -14.41 38.61 3.47
N ALA C 83 -14.99 38.41 4.66
CA ALA C 83 -14.30 38.72 5.91
C ALA C 83 -13.12 37.75 6.13
N LEU C 84 -13.33 36.49 5.77
CA LEU C 84 -12.28 35.47 5.74
C LEU C 84 -11.22 35.77 4.67
N ASP C 85 -11.65 36.39 3.57
CA ASP C 85 -10.74 36.84 2.51
C ASP C 85 -9.74 37.85 3.05
N ILE C 86 -10.22 38.82 3.82
CA ILE C 86 -9.33 39.85 4.38
C ILE C 86 -8.45 39.29 5.47
N HIS C 87 -9.01 38.43 6.33
CA HIS C 87 -8.25 37.71 7.35
C HIS C 87 -7.00 37.06 6.74
N ALA C 89 -5.26 37.97 4.37
CA ALA C 89 -4.31 38.95 3.81
C ALA C 89 -3.75 39.92 4.85
N THR C 90 -4.17 39.78 6.11
CA THR C 90 -3.64 40.60 7.21
C THR C 90 -2.13 40.39 7.41
N GLU C 91 -1.52 41.26 8.20
CA GLU C 91 -0.10 41.23 8.49
C GLU C 91 0.22 39.96 9.29
N HIS C 92 -0.46 39.80 10.43
CA HIS C 92 -0.25 38.61 11.29
C HIS C 92 -0.44 37.28 10.56
N PHE C 93 -1.49 37.17 9.76
CA PHE C 93 -1.73 35.95 9.02
C PHE C 93 -0.59 35.67 8.03
N THR C 94 -0.32 36.62 7.13
CA THR C 94 0.70 36.42 6.09
C THR C 94 2.11 36.24 6.66
N ARG C 95 2.36 36.78 7.86
CA ARG C 95 3.62 36.54 8.55
C ARG C 95 3.65 35.18 9.29
N LEU C 96 2.67 34.93 10.16
CA LEU C 96 2.72 33.79 11.08
C LEU C 96 2.38 32.44 10.43
N VAL C 97 1.40 32.42 9.53
CA VAL C 97 0.97 31.20 8.85
C VAL C 97 2.09 30.46 8.08
N PRO C 98 2.90 31.17 7.25
CA PRO C 98 4.00 30.44 6.61
C PRO C 98 5.08 29.97 7.60
N LEU C 99 5.31 30.70 8.67
CA LEU C 99 6.28 30.28 9.70
C LEU C 99 5.83 29.01 10.42
N ILE C 100 4.55 28.97 10.76
CA ILE C 100 3.95 27.74 11.26
C ILE C 100 3.99 26.63 10.20
N ASN C 101 3.51 26.91 8.99
CA ASN C 101 3.39 25.89 7.96
C ASN C 101 4.71 25.31 7.48
N ALA C 102 5.81 26.03 7.71
CA ALA C 102 7.14 25.50 7.44
C ALA C 102 7.35 24.15 8.16
N HIS C 103 6.64 23.97 9.28
CA HIS C 103 6.75 22.79 10.13
C HIS C 103 5.56 21.81 10.05
N GLN C 104 4.71 21.95 9.03
CA GLN C 104 3.56 21.05 8.84
C GLN C 104 3.99 19.63 8.46
N ARG C 105 3.28 18.64 9.00
CA ARG C 105 3.43 17.24 8.59
C ARG C 105 2.63 16.97 7.29
N GLN C 106 1.53 17.69 7.13
CA GLN C 106 0.59 17.50 6.02
C GLN C 106 -0.05 18.83 5.69
N ASP C 107 -0.60 18.95 4.49
CA ASP C 107 -1.45 20.10 4.16
C ASP C 107 -2.59 20.18 5.18
N GLY C 108 -2.93 21.40 5.59
CA GLY C 108 -4.06 21.62 6.47
C GLY C 108 -5.37 21.56 5.68
N THR C 109 -6.46 21.25 6.37
CA THR C 109 -7.78 21.21 5.74
C THR C 109 -8.66 22.34 6.27
N VAL C 110 -9.62 22.79 5.45
CA VAL C 110 -10.58 23.79 5.86
C VAL C 110 -11.99 23.39 5.42
N VAL C 111 -12.94 23.41 6.35
CA VAL C 111 -14.37 23.21 6.08
C VAL C 111 -15.09 24.54 6.31
N LEU C 112 -15.81 24.98 5.28
CA LEU C 112 -16.66 26.17 5.37
C LEU C 112 -18.11 25.71 5.48
N ASP C 114 -22.49 26.45 6.94
CA ASP C 114 -23.67 27.21 7.38
C ASP C 114 -24.27 26.58 8.63
N ALA C 115 -24.81 27.43 9.50
CA ALA C 115 -25.65 27.01 10.63
C ALA C 115 -26.97 26.37 10.16
N VAL C 116 -27.38 25.31 10.86
CA VAL C 116 -28.69 24.70 10.66
C VAL C 116 -29.58 25.12 11.84
N PRO C 117 -30.51 26.07 11.61
CA PRO C 117 -31.46 26.40 12.69
C PRO C 117 -32.72 25.54 12.61
N LEU D 24 -14.13 20.32 27.72
CA LEU D 24 -13.88 19.44 26.59
C LEU D 24 -14.63 19.96 25.37
N LYS D 25 -13.89 20.22 24.29
CA LYS D 25 -14.51 20.63 23.02
C LYS D 25 -14.58 19.44 22.09
N VAL D 26 -15.69 19.32 21.36
CA VAL D 26 -15.89 18.19 20.46
C VAL D 26 -16.35 18.67 19.07
N ILE D 27 -15.78 18.06 18.03
CA ILE D 27 -16.28 18.18 16.66
C ILE D 27 -16.66 16.80 16.18
N ALA D 28 -17.93 16.63 15.80
CA ALA D 28 -18.39 15.37 15.20
C ALA D 28 -18.85 15.65 13.80
N GLN D 29 -18.53 14.74 12.88
CA GLN D 29 -18.92 14.91 11.48
C GLN D 29 -19.70 13.70 10.99
N ASP D 30 -20.80 13.95 10.28
CA ASP D 30 -21.61 12.89 9.69
C ASP D 30 -21.66 13.06 8.17
N PHE D 31 -21.59 11.95 7.46
CA PHE D 31 -21.73 11.96 6.02
C PHE D 31 -22.93 11.09 5.63
N ILE D 32 -24.00 11.76 5.24
CA ILE D 32 -25.30 11.12 5.05
C ILE D 32 -25.65 11.06 3.55
N LYS D 33 -26.10 9.88 3.10
CA LYS D 33 -26.65 9.74 1.74
C LYS D 33 -27.66 10.86 1.47
N PRO D 34 -27.36 11.74 0.48
CA PRO D 34 -28.18 12.93 0.22
C PRO D 34 -29.65 12.67 -0.18
N GLU D 35 -29.99 11.42 -0.48
CA GLU D 35 -31.39 11.01 -0.70
C GLU D 35 -32.12 10.71 0.63
N ALA D 36 -31.34 10.57 1.70
CA ALA D 36 -31.88 10.28 3.02
C ALA D 36 -31.81 11.48 3.97
N ILE D 37 -31.56 12.67 3.40
CA ILE D 37 -31.39 13.91 4.16
C ILE D 37 -32.63 14.34 4.93
N ASP D 38 -33.78 14.39 4.25
CA ASP D 38 -35.02 14.79 4.90
C ASP D 38 -35.59 13.68 5.79
N ILE D 39 -35.03 12.47 5.68
CA ILE D 39 -35.29 11.43 6.66
C ILE D 39 -34.54 11.76 7.95
N VAL D 40 -33.26 12.11 7.85
CA VAL D 40 -32.43 12.33 9.03
C VAL D 40 -32.59 13.73 9.68
N LEU D 41 -32.86 14.76 8.88
CA LEU D 41 -32.97 16.13 9.39
C LEU D 41 -33.91 16.32 10.59
N PRO D 42 -35.12 15.73 10.53
CA PRO D 42 -35.98 15.90 11.71
C PRO D 42 -35.40 15.21 12.95
N LEU D 43 -34.67 14.10 12.75
CA LEU D 43 -34.01 13.42 13.86
C LEU D 43 -32.88 14.27 14.44
N TYR D 44 -32.24 15.07 13.57
CA TYR D 44 -31.19 15.99 13.99
C TYR D 44 -31.72 17.11 14.87
N ARG D 45 -32.82 17.73 14.44
CA ARG D 45 -33.43 18.83 15.21
C ARG D 45 -33.87 18.36 16.59
N GLU D 46 -34.31 17.11 16.70
CA GLU D 46 -34.68 16.51 17.98
C GLU D 46 -33.46 16.28 18.88
N LEU D 47 -32.44 15.66 18.30
CA LEU D 47 -31.18 15.45 18.99
C LEU D 47 -30.60 16.77 19.53
N VAL D 48 -30.64 17.82 18.70
CA VAL D 48 -30.19 19.14 19.12
C VAL D 48 -31.02 19.72 20.28
N GLU D 49 -32.35 19.66 20.19
CA GLU D 49 -33.21 20.18 21.27
C GLU D 49 -33.00 19.43 22.58
N LYS D 50 -33.00 18.10 22.50
CA LYS D 50 -32.88 17.24 23.68
C LYS D 50 -31.49 17.27 24.32
N THR D 51 -30.44 17.36 23.51
CA THR D 51 -29.07 17.53 24.05
C THR D 51 -28.85 18.86 24.76
N ARG D 52 -29.39 19.95 24.21
CA ARG D 52 -29.22 21.27 24.83
C ARG D 52 -29.90 21.33 26.18
N GLN D 53 -30.93 20.50 26.37
CA GLN D 53 -31.63 20.44 27.66
C GLN D 53 -30.87 19.62 28.70
N GLU D 54 -29.87 18.85 28.29
CA GLU D 54 -29.00 18.17 29.24
C GLU D 54 -28.36 19.24 30.14
N PRO D 55 -28.56 19.11 31.47
CA PRO D 55 -28.01 20.07 32.43
C PRO D 55 -26.51 20.32 32.22
N LEU D 56 -25.77 19.26 31.92
CA LEU D 56 -24.32 19.32 31.76
C LEU D 56 -23.80 19.82 30.39
N LEU D 58 -22.85 22.40 27.69
CA LEU D 58 -22.51 23.82 27.67
C LEU D 58 -22.88 24.53 26.37
N ALA D 59 -22.69 23.83 25.26
CA ALA D 59 -23.09 24.30 23.93
C ALA D 59 -23.18 23.11 23.00
N TYR D 60 -24.04 23.20 22.00
CA TYR D 60 -24.28 22.10 21.08
C TYR D 60 -24.94 22.70 19.87
N ASP D 61 -24.18 22.84 18.79
CA ASP D 61 -24.68 23.51 17.57
C ASP D 61 -24.41 22.67 16.34
N LEU D 62 -25.32 22.74 15.37
CA LEU D 62 -25.24 21.90 14.17
C LEU D 62 -25.01 22.73 12.91
N PHE D 63 -24.13 22.23 12.05
CA PHE D 63 -23.69 22.96 10.85
C PHE D 63 -23.67 22.05 9.63
N VAL D 64 -23.66 22.67 8.45
CA VAL D 64 -23.70 21.91 7.21
C VAL D 64 -22.59 22.40 6.26
N ASP D 65 -21.89 21.46 5.64
CA ASP D 65 -20.85 21.80 4.68
C ASP D 65 -21.47 22.46 3.45
N GLN D 66 -20.96 23.64 3.10
CA GLN D 66 -21.39 24.37 1.92
C GLN D 66 -21.15 23.61 0.61
N LYS D 67 -20.25 22.64 0.63
CA LYS D 67 -19.87 21.87 -0.57
C LYS D 67 -20.48 20.46 -0.56
N ASP D 68 -21.18 20.14 0.52
CA ASP D 68 -21.76 18.82 0.72
C ASP D 68 -22.97 18.96 1.66
N PRO D 69 -24.19 19.07 1.08
CA PRO D 69 -25.41 19.29 1.87
C PRO D 69 -25.74 18.11 2.79
N GLY D 70 -24.99 17.02 2.66
CA GLY D 70 -25.15 15.84 3.51
C GLY D 70 -23.97 15.63 4.43
N HIS D 71 -23.16 16.69 4.57
CA HIS D 71 -22.01 16.70 5.48
C HIS D 71 -22.34 17.62 6.63
N PHE D 72 -22.68 17.00 7.76
CA PHE D 72 -23.13 17.70 8.95
C PHE D 72 -22.04 17.67 10.01
N VAL D 73 -21.90 18.76 10.74
CA VAL D 73 -20.87 18.90 11.75
C VAL D 73 -21.43 19.47 13.07
N PHE D 74 -21.32 18.68 14.13
CA PHE D 74 -21.69 19.13 15.47
C PHE D 74 -20.46 19.74 16.11
N ILE D 75 -20.60 20.95 16.62
CA ILE D 75 -19.59 21.56 17.48
C ILE D 75 -20.18 21.57 18.89
N GLU D 76 -19.49 20.90 19.82
CA GLU D 76 -20.02 20.65 21.17
C GLU D 76 -19.05 21.10 22.27
N GLU D 77 -19.61 21.44 23.43
CA GLU D 77 -18.80 21.81 24.60
C GLU D 77 -19.35 21.18 25.86
N TRP D 78 -18.47 20.51 26.60
CA TRP D 78 -18.81 19.77 27.81
C TRP D 78 -17.86 20.23 28.92
N PRO D 79 -18.30 20.13 30.19
CA PRO D 79 -17.40 20.49 31.28
C PRO D 79 -16.27 19.48 31.42
N ASP D 80 -16.55 18.23 31.06
CA ASP D 80 -15.57 17.15 31.14
C ASP D 80 -16.05 15.92 30.38
N ARG D 81 -15.17 14.93 30.28
CA ARG D 81 -15.43 13.69 29.56
C ARG D 81 -16.63 12.91 30.16
N ALA D 82 -16.79 12.99 31.48
CA ALA D 82 -17.92 12.37 32.19
C ALA D 82 -19.26 12.84 31.64
N ALA D 83 -19.42 14.16 31.50
CA ALA D 83 -20.63 14.74 30.92
C ALA D 83 -20.93 14.19 29.51
N LEU D 84 -19.87 13.89 28.75
CA LEU D 84 -20.00 13.36 27.40
C LEU D 84 -20.37 11.88 27.40
N ASP D 85 -19.81 11.13 28.35
CA ASP D 85 -20.17 9.71 28.47
C ASP D 85 -21.64 9.58 28.87
N ILE D 86 -22.11 10.52 29.69
CA ILE D 86 -23.51 10.59 30.11
C ILE D 86 -24.40 10.89 28.90
N HIS D 87 -23.99 11.91 28.12
CA HIS D 87 -24.64 12.24 26.86
C HIS D 87 -24.84 11.02 25.96
N ALA D 89 -25.20 8.08 26.75
CA ALA D 89 -26.09 7.12 27.37
C ALA D 89 -27.47 7.70 27.76
N THR D 90 -27.80 8.88 27.25
CA THR D 90 -29.17 9.41 27.38
C THR D 90 -30.07 8.74 26.36
N GLU D 91 -31.39 8.82 26.59
CA GLU D 91 -32.37 8.15 25.75
C GLU D 91 -32.36 8.64 24.30
N HIS D 92 -32.37 9.96 24.13
CA HIS D 92 -32.40 10.57 22.79
C HIS D 92 -31.18 10.22 21.96
N PHE D 93 -30.01 10.16 22.59
CA PHE D 93 -28.82 9.73 21.89
C PHE D 93 -28.97 8.26 21.47
N THR D 94 -29.41 7.42 22.41
CA THR D 94 -29.41 5.98 22.20
C THR D 94 -30.46 5.54 21.19
N ARG D 95 -31.58 6.27 21.10
CA ARG D 95 -32.60 5.96 20.10
C ARG D 95 -32.35 6.63 18.74
N LEU D 96 -31.98 7.91 18.75
CA LEU D 96 -31.87 8.70 17.53
C LEU D 96 -30.60 8.40 16.71
N VAL D 97 -29.45 8.35 17.38
CA VAL D 97 -28.19 8.16 16.67
C VAL D 97 -28.18 6.93 15.74
N PRO D 98 -28.49 5.71 16.25
CA PRO D 98 -28.40 4.56 15.36
C PRO D 98 -29.43 4.56 14.22
N LEU D 99 -30.47 5.37 14.35
CA LEU D 99 -31.42 5.60 13.25
C LEU D 99 -30.80 6.55 12.22
N ILE D 100 -30.05 7.54 12.71
CA ILE D 100 -29.30 8.45 11.82
C ILE D 100 -28.15 7.69 11.12
N ASN D 101 -27.44 6.84 11.87
CA ASN D 101 -26.32 6.06 11.34
C ASN D 101 -26.71 5.07 10.25
N ALA D 102 -27.96 4.59 10.28
CA ALA D 102 -28.49 3.69 9.27
C ALA D 102 -28.53 4.30 7.86
N HIS D 103 -28.41 5.63 7.78
CA HIS D 103 -28.51 6.35 6.51
C HIS D 103 -27.24 7.12 6.11
N GLN D 104 -26.08 6.69 6.60
CA GLN D 104 -24.83 7.42 6.30
C GLN D 104 -24.07 6.87 5.08
N ARG D 105 -23.50 7.79 4.28
CA ARG D 105 -22.69 7.41 3.10
C ARG D 105 -21.23 7.11 3.50
N GLN D 106 -20.50 8.15 3.93
CA GLN D 106 -19.15 7.98 4.47
C GLN D 106 -19.28 7.78 5.98
N ASP D 107 -18.25 7.19 6.59
CA ASP D 107 -18.29 6.94 8.03
C ASP D 107 -18.11 8.23 8.85
N GLY D 108 -18.42 8.16 10.14
CA GLY D 108 -18.44 9.35 11.00
C GLY D 108 -17.16 9.54 11.78
N THR D 109 -16.77 10.81 11.94
CA THR D 109 -15.57 11.16 12.72
C THR D 109 -15.88 12.08 13.89
N VAL D 110 -15.11 11.92 14.97
CA VAL D 110 -15.25 12.69 16.20
C VAL D 110 -13.84 13.09 16.62
N VAL D 111 -13.67 14.36 16.99
CA VAL D 111 -12.41 14.82 17.58
C VAL D 111 -12.71 15.42 18.92
N LEU D 112 -11.97 15.00 19.94
CA LEU D 112 -12.09 15.57 21.28
C LEU D 112 -10.89 16.46 21.55
N ASP D 114 -8.74 19.83 23.75
CA ASP D 114 -8.42 20.77 24.81
C ASP D 114 -8.24 22.14 24.16
N ALA D 115 -8.64 23.19 24.86
CA ALA D 115 -8.28 24.55 24.47
C ALA D 115 -6.77 24.76 24.69
N VAL D 116 -6.17 25.56 23.80
CA VAL D 116 -4.77 25.96 23.92
C VAL D 116 -4.74 27.27 24.71
N PRO D 117 -4.01 27.30 25.85
CA PRO D 117 -4.07 28.50 26.70
C PRO D 117 -3.41 29.73 26.07
N LEU E 24 -10.35 -22.96 -2.83
CA LEU E 24 -9.64 -24.13 -3.32
C LEU E 24 -8.89 -24.75 -2.15
N LYS E 25 -9.18 -26.02 -1.89
CA LYS E 25 -8.48 -26.79 -0.87
C LYS E 25 -7.42 -27.66 -1.54
N VAL E 26 -6.24 -27.69 -0.95
CA VAL E 26 -5.15 -28.47 -1.53
C VAL E 26 -4.53 -29.34 -0.45
N ILE E 27 -4.29 -30.60 -0.79
CA ILE E 27 -3.43 -31.45 0.01
C ILE E 27 -2.24 -31.79 -0.87
N ALA E 28 -1.04 -31.50 -0.37
CA ALA E 28 0.22 -31.76 -1.07
C ALA E 28 1.12 -32.64 -0.19
N GLN E 29 1.67 -33.70 -0.76
CA GLN E 29 2.46 -34.66 0.01
C GLN E 29 3.90 -34.74 -0.52
N ASP E 30 4.87 -34.71 0.40
CA ASP E 30 6.29 -34.89 0.08
C ASP E 30 6.78 -36.17 0.76
N PHE E 31 7.72 -36.85 0.10
CA PHE E 31 8.33 -38.08 0.59
C PHE E 31 9.84 -37.90 0.58
N ILE E 32 10.39 -37.61 1.75
CA ILE E 32 11.79 -37.21 1.92
C ILE E 32 12.63 -38.39 2.48
N LYS E 33 13.80 -38.63 1.89
CA LYS E 33 14.73 -39.69 2.38
C LYS E 33 15.04 -39.42 3.85
N PRO E 34 14.94 -40.46 4.70
CA PRO E 34 15.04 -40.29 6.15
C PRO E 34 16.34 -39.60 6.57
N GLU E 35 17.43 -39.90 5.83
CA GLU E 35 18.74 -39.26 6.02
C GLU E 35 18.65 -37.72 5.99
N ALA E 36 17.67 -37.22 5.25
CA ALA E 36 17.59 -35.79 4.93
C ALA E 36 16.58 -35.00 5.77
N ILE E 37 15.96 -35.65 6.74
CA ILE E 37 14.90 -35.02 7.54
C ILE E 37 15.34 -33.78 8.31
N ASP E 38 16.48 -33.87 9.00
CA ASP E 38 16.94 -32.70 9.76
C ASP E 38 17.42 -31.56 8.85
N ILE E 39 17.80 -31.89 7.62
CA ILE E 39 18.14 -30.87 6.60
C ILE E 39 16.88 -30.10 6.16
N VAL E 40 15.84 -30.83 5.76
CA VAL E 40 14.65 -30.17 5.17
C VAL E 40 13.72 -29.46 6.16
N LEU E 41 13.80 -29.84 7.44
CA LEU E 41 12.92 -29.25 8.47
C LEU E 41 13.03 -27.72 8.61
N PRO E 42 14.26 -27.17 8.70
CA PRO E 42 14.31 -25.68 8.74
C PRO E 42 13.85 -25.01 7.42
N LEU E 43 13.94 -25.74 6.32
CA LEU E 43 13.49 -25.25 5.02
C LEU E 43 11.95 -25.22 4.98
N TYR E 44 11.32 -26.27 5.52
CA TYR E 44 9.86 -26.34 5.66
C TYR E 44 9.34 -25.21 6.54
N ARG E 45 10.01 -24.99 7.66
CA ARG E 45 9.61 -23.93 8.59
C ARG E 45 9.59 -22.57 7.88
N GLU E 46 10.64 -22.28 7.09
CA GLU E 46 10.68 -21.00 6.40
C GLU E 46 9.63 -20.92 5.28
N LEU E 47 9.49 -22.00 4.52
CA LEU E 47 8.48 -22.10 3.46
C LEU E 47 7.09 -21.82 4.01
N VAL E 48 6.78 -22.39 5.17
CA VAL E 48 5.50 -22.16 5.84
C VAL E 48 5.35 -20.70 6.27
N GLU E 49 6.38 -20.18 6.94
CA GLU E 49 6.35 -18.80 7.46
C GLU E 49 6.15 -17.79 6.32
N LYS E 50 6.92 -17.94 5.25
CA LYS E 50 6.88 -17.05 4.09
C LYS E 50 5.62 -17.23 3.22
N THR E 51 5.08 -18.44 3.19
CA THR E 51 3.88 -18.71 2.42
C THR E 51 2.66 -18.05 3.06
N ARG E 52 2.53 -18.21 4.38
CA ARG E 52 1.46 -17.58 5.13
C ARG E 52 1.46 -16.03 4.98
N GLN E 53 2.61 -15.46 4.66
CA GLN E 53 2.73 -14.01 4.41
C GLN E 53 2.27 -13.59 3.00
N GLU E 54 2.06 -14.53 2.10
CA GLU E 54 1.52 -14.17 0.79
C GLU E 54 0.12 -13.59 1.02
N PRO E 55 -0.14 -12.35 0.52
CA PRO E 55 -1.49 -11.77 0.73
C PRO E 55 -2.65 -12.70 0.30
N LEU E 56 -2.42 -13.53 -0.71
CA LEU E 56 -3.48 -14.43 -1.22
C LEU E 56 -3.60 -15.78 -0.51
N LEU E 58 -4.77 -18.22 2.20
CA LEU E 58 -5.85 -18.28 3.19
C LEU E 58 -5.50 -19.15 4.40
N ALA E 59 -4.90 -20.30 4.14
CA ALA E 59 -4.45 -21.21 5.20
C ALA E 59 -3.32 -22.06 4.65
N TYR E 60 -2.33 -22.36 5.50
CA TYR E 60 -1.18 -23.16 5.07
C TYR E 60 -0.61 -23.80 6.32
N ASP E 61 -0.79 -25.10 6.44
CA ASP E 61 -0.35 -25.85 7.61
C ASP E 61 0.40 -27.10 7.20
N LEU E 62 1.39 -27.47 7.98
CA LEU E 62 2.26 -28.58 7.63
C LEU E 62 2.21 -29.66 8.72
N PHE E 63 2.14 -30.91 8.27
CA PHE E 63 2.03 -32.06 9.18
C PHE E 63 2.98 -33.14 8.76
N VAL E 64 3.23 -34.10 9.66
CA VAL E 64 4.09 -35.24 9.37
C VAL E 64 3.38 -36.54 9.77
N ASP E 65 3.51 -37.54 8.91
CA ASP E 65 2.94 -38.86 9.08
C ASP E 65 3.53 -39.50 10.34
N GLN E 66 2.66 -39.93 11.26
CA GLN E 66 3.09 -40.58 12.50
C GLN E 66 3.92 -41.84 12.25
N LYS E 67 3.71 -42.48 11.11
CA LYS E 67 4.36 -43.75 10.74
C LYS E 67 5.55 -43.61 9.76
N ASP E 68 5.83 -42.38 9.33
CA ASP E 68 6.95 -42.08 8.43
C ASP E 68 7.34 -40.63 8.66
N PRO E 69 8.44 -40.40 9.41
CA PRO E 69 8.89 -39.03 9.69
C PRO E 69 9.40 -38.30 8.43
N GLY E 70 9.57 -39.05 7.34
CA GLY E 70 9.87 -38.47 6.01
C GLY E 70 8.65 -38.05 5.20
N HIS E 71 7.46 -38.46 5.64
CA HIS E 71 6.21 -38.19 4.93
C HIS E 71 5.55 -36.91 5.45
N PHE E 72 5.74 -35.82 4.68
CA PHE E 72 5.20 -34.52 5.03
C PHE E 72 3.96 -34.21 4.21
N VAL E 73 3.00 -33.56 4.85
CA VAL E 73 1.72 -33.26 4.23
C VAL E 73 1.35 -31.81 4.49
N PHE E 74 1.09 -31.08 3.40
CA PHE E 74 0.62 -29.70 3.48
C PHE E 74 -0.89 -29.70 3.31
N ILE E 75 -1.59 -28.92 4.12
CA ILE E 75 -3.03 -28.69 3.92
C ILE E 75 -3.22 -27.21 3.66
N GLU E 76 -3.69 -26.87 2.46
CA GLU E 76 -3.68 -25.47 2.03
C GLU E 76 -5.05 -24.98 1.60
N GLU E 77 -5.30 -23.68 1.77
CA GLU E 77 -6.51 -23.02 1.27
C GLU E 77 -6.11 -21.80 0.43
N TRP E 78 -6.66 -21.72 -0.78
CA TRP E 78 -6.40 -20.58 -1.67
C TRP E 78 -7.76 -20.05 -2.17
N PRO E 79 -7.83 -18.76 -2.57
CA PRO E 79 -9.11 -18.28 -3.14
C PRO E 79 -9.45 -18.93 -4.48
N ASP E 80 -8.44 -19.33 -5.25
CA ASP E 80 -8.62 -20.02 -6.54
C ASP E 80 -7.27 -20.45 -7.07
N ARG E 81 -7.27 -21.06 -8.27
CA ARG E 81 -6.09 -21.62 -8.90
C ARG E 81 -5.01 -20.57 -9.25
N ALA E 82 -5.44 -19.36 -9.61
CA ALA E 82 -4.52 -18.28 -9.97
C ALA E 82 -3.65 -17.85 -8.79
N ALA E 83 -4.23 -17.88 -7.59
CA ALA E 83 -3.48 -17.59 -6.37
C ALA E 83 -2.45 -18.71 -6.10
N LEU E 84 -2.82 -19.94 -6.44
CA LEU E 84 -1.89 -21.08 -6.33
C LEU E 84 -0.73 -20.95 -7.35
N ASP E 85 -1.00 -20.40 -8.52
CA ASP E 85 0.02 -20.14 -9.56
C ASP E 85 1.01 -19.07 -9.13
N ILE E 86 0.52 -18.08 -8.39
CA ILE E 86 1.33 -17.01 -7.83
C ILE E 86 2.24 -17.56 -6.72
N HIS E 87 1.69 -18.40 -5.85
CA HIS E 87 2.46 -19.09 -4.83
C HIS E 87 3.66 -19.79 -5.45
N ALA E 89 5.31 -19.17 -7.99
CA ALA E 89 6.28 -18.29 -8.68
C ALA E 89 7.05 -17.41 -7.72
N THR E 90 6.66 -17.41 -6.45
CA THR E 90 7.34 -16.60 -5.44
C THR E 90 8.81 -17.02 -5.25
N GLU E 91 9.59 -16.08 -4.73
CA GLU E 91 11.02 -16.29 -4.50
C GLU E 91 11.23 -17.44 -3.53
N HIS E 92 10.51 -17.40 -2.42
CA HIS E 92 10.61 -18.47 -1.42
C HIS E 92 10.28 -19.84 -1.97
N PHE E 93 9.18 -19.97 -2.72
CA PHE E 93 8.85 -21.25 -3.35
C PHE E 93 9.96 -21.71 -4.27
N THR E 94 10.32 -20.89 -5.27
CA THR E 94 11.33 -21.31 -6.25
C THR E 94 12.73 -21.46 -5.65
N ARG E 95 12.98 -20.89 -4.47
CA ARG E 95 14.22 -21.13 -3.75
C ARG E 95 14.12 -22.44 -2.91
N LEU E 96 13.14 -22.49 -2.00
CA LEU E 96 13.09 -23.53 -0.98
C LEU E 96 12.66 -24.90 -1.48
N VAL E 97 11.69 -24.95 -2.39
CA VAL E 97 11.17 -26.23 -2.91
C VAL E 97 12.22 -27.09 -3.63
N PRO E 98 13.06 -26.50 -4.50
CA PRO E 98 14.07 -27.37 -5.10
C PRO E 98 15.14 -27.86 -4.13
N LEU E 99 15.45 -27.06 -3.10
CA LEU E 99 16.40 -27.46 -2.05
C LEU E 99 15.83 -28.62 -1.24
N ILE E 100 14.53 -28.58 -1.00
CA ILE E 100 13.83 -29.66 -0.31
C ILE E 100 13.75 -30.89 -1.17
N ASN E 101 13.32 -30.70 -2.42
CA ASN E 101 13.12 -31.79 -3.37
C ASN E 101 14.41 -32.45 -3.87
N ALA E 102 15.56 -31.82 -3.62
CA ALA E 102 16.87 -32.44 -3.85
C ALA E 102 17.00 -33.77 -3.09
N HIS E 103 16.22 -33.87 -2.01
CA HIS E 103 16.28 -35.01 -1.07
C HIS E 103 15.06 -35.92 -1.03
N GLN E 104 14.21 -35.84 -2.07
CA GLN E 104 12.98 -36.63 -2.10
C GLN E 104 13.29 -38.10 -2.45
N ARG E 105 12.65 -39.04 -1.78
CA ARG E 105 12.73 -40.45 -2.20
C ARG E 105 11.79 -40.80 -3.36
N GLN E 106 10.66 -40.08 -3.45
CA GLN E 106 9.65 -40.23 -4.51
C GLN E 106 9.17 -38.86 -4.94
N ASP E 107 8.63 -38.75 -6.15
CA ASP E 107 7.85 -37.58 -6.57
C ASP E 107 6.72 -37.30 -5.58
N GLY E 108 6.48 -36.03 -5.32
CA GLY E 108 5.37 -35.64 -4.46
C GLY E 108 4.07 -35.71 -5.24
N THR E 109 2.96 -35.51 -4.53
CA THR E 109 1.63 -35.45 -5.16
C THR E 109 0.88 -34.21 -4.71
N VAL E 110 -0.08 -33.78 -5.52
CA VAL E 110 -0.90 -32.65 -5.20
C VAL E 110 -2.34 -33.01 -5.56
N VAL E 111 -3.27 -32.70 -4.67
CA VAL E 111 -4.69 -32.91 -4.92
C VAL E 111 -5.44 -31.58 -4.72
N LEU E 112 -6.12 -31.15 -5.78
CA LEU E 112 -6.95 -29.95 -5.72
C LEU E 112 -8.41 -30.36 -5.48
N ASP E 114 -12.70 -29.45 -3.90
CA ASP E 114 -13.83 -28.63 -3.51
C ASP E 114 -14.42 -29.18 -2.21
N ALA E 115 -14.93 -28.30 -1.37
CA ALA E 115 -15.68 -28.73 -0.19
C ALA E 115 -17.02 -29.34 -0.61
N VAL E 116 -17.40 -30.44 0.03
CA VAL E 116 -18.72 -31.06 -0.16
C VAL E 116 -19.68 -30.49 0.91
N PRO E 117 -20.80 -29.88 0.47
CA PRO E 117 -21.78 -29.47 1.50
C PRO E 117 -22.79 -30.57 1.81
N LEU F 24 -4.39 -34.55 17.06
CA LEU F 24 -4.13 -35.53 16.03
C LEU F 24 -4.88 -35.11 14.78
N LYS F 25 -4.15 -34.89 13.70
CA LYS F 25 -4.76 -34.57 12.41
C LYS F 25 -4.87 -35.83 11.57
N VAL F 26 -6.01 -36.05 10.94
CA VAL F 26 -6.20 -37.22 10.09
C VAL F 26 -6.64 -36.84 8.66
N ILE F 27 -6.08 -37.52 7.68
CA ILE F 27 -6.59 -37.47 6.31
C ILE F 27 -6.97 -38.88 5.87
N ALA F 28 -8.21 -39.01 5.40
CA ALA F 28 -8.75 -40.26 4.89
C ALA F 28 -9.23 -40.04 3.47
N GLN F 29 -8.99 -41.02 2.60
CA GLN F 29 -9.39 -40.91 1.22
C GLN F 29 -10.14 -42.18 0.77
N ASP F 30 -11.28 -41.99 0.11
CA ASP F 30 -12.03 -43.08 -0.54
C ASP F 30 -12.07 -42.85 -2.04
N PHE F 31 -12.06 -43.95 -2.79
CA PHE F 31 -12.15 -43.94 -4.24
C PHE F 31 -13.41 -44.73 -4.63
N ILE F 32 -14.44 -44.01 -5.05
CA ILE F 32 -15.78 -44.56 -5.24
C ILE F 32 -16.12 -44.75 -6.72
N LYS F 33 -16.69 -45.91 -7.06
CA LYS F 33 -17.22 -46.17 -8.41
C LYS F 33 -18.13 -44.99 -8.83
N PRO F 34 -17.92 -44.48 -10.06
CA PRO F 34 -18.59 -43.24 -10.47
C PRO F 34 -20.12 -43.34 -10.45
N GLU F 35 -20.64 -44.50 -10.87
CA GLU F 35 -22.10 -44.71 -10.92
C GLU F 35 -22.74 -44.81 -9.53
N ALA F 36 -21.91 -44.95 -8.50
CA ALA F 36 -22.36 -45.15 -7.12
C ALA F 36 -22.23 -43.90 -6.25
N ILE F 37 -21.90 -42.76 -6.85
CA ILE F 37 -21.73 -41.51 -6.11
C ILE F 37 -23.01 -41.10 -5.37
N ASP F 38 -24.13 -41.15 -6.07
CA ASP F 38 -25.42 -40.75 -5.52
C ASP F 38 -25.96 -41.75 -4.49
N ILE F 39 -25.50 -42.99 -4.58
CA ILE F 39 -25.75 -44.00 -3.55
C ILE F 39 -24.98 -43.68 -2.26
N VAL F 40 -23.72 -43.27 -2.41
CA VAL F 40 -22.87 -43.05 -1.23
C VAL F 40 -22.93 -41.67 -0.63
N LEU F 41 -23.17 -40.64 -1.45
CA LEU F 41 -23.25 -39.26 -0.94
C LEU F 41 -24.16 -39.09 0.29
N PRO F 42 -25.36 -39.71 0.29
CA PRO F 42 -26.20 -39.49 1.47
C PRO F 42 -25.62 -40.13 2.74
N LEU F 43 -24.91 -41.25 2.56
CA LEU F 43 -24.23 -41.92 3.68
C LEU F 43 -23.09 -41.06 4.23
N TYR F 44 -22.35 -40.41 3.32
CA TYR F 44 -21.34 -39.42 3.69
C TYR F 44 -21.89 -38.28 4.54
N ARG F 45 -22.94 -37.64 4.05
CA ARG F 45 -23.54 -36.50 4.75
C ARG F 45 -23.96 -36.82 6.19
N GLU F 46 -24.55 -38.00 6.38
CA GLU F 46 -24.94 -38.51 7.70
C GLU F 46 -23.69 -38.70 8.56
N LEU F 47 -22.71 -39.42 8.02
CA LEU F 47 -21.41 -39.61 8.69
C LEU F 47 -20.81 -38.31 9.17
N VAL F 48 -20.75 -37.32 8.28
CA VAL F 48 -20.27 -35.99 8.65
C VAL F 48 -21.09 -35.40 9.80
N GLU F 49 -22.41 -35.33 9.62
CA GLU F 49 -23.31 -34.77 10.63
C GLU F 49 -23.14 -35.47 11.98
N LYS F 50 -23.15 -36.80 11.96
CA LYS F 50 -23.08 -37.58 13.19
C LYS F 50 -21.71 -37.56 13.88
N THR F 51 -20.64 -37.52 13.09
CA THR F 51 -19.29 -37.43 13.62
C THR F 51 -19.07 -36.09 14.29
N ARG F 52 -19.49 -35.02 13.62
CA ARG F 52 -19.38 -33.67 14.17
C ARG F 52 -20.10 -33.51 15.51
N GLN F 53 -21.10 -34.37 15.72
CA GLN F 53 -21.89 -34.37 16.96
C GLN F 53 -21.18 -35.10 18.11
N GLU F 54 -20.13 -35.85 17.80
CA GLU F 54 -19.30 -36.47 18.83
C GLU F 54 -18.67 -35.36 19.66
N PRO F 55 -18.76 -35.48 21.02
CA PRO F 55 -18.20 -34.46 21.91
C PRO F 55 -16.70 -34.26 21.68
N LEU F 56 -15.99 -35.36 21.43
CA LEU F 56 -14.53 -35.37 21.30
C LEU F 56 -14.02 -35.05 19.89
N LEU F 58 -13.08 -32.77 16.96
CA LEU F 58 -12.67 -31.37 16.91
C LEU F 58 -13.05 -30.71 15.60
N ALA F 59 -12.80 -31.41 14.50
CA ALA F 59 -13.22 -30.98 13.17
C ALA F 59 -13.31 -32.18 12.28
N TYR F 60 -14.18 -32.08 11.27
CA TYR F 60 -14.43 -33.19 10.37
C TYR F 60 -15.09 -32.56 9.16
N ASP F 61 -14.40 -32.58 8.03
CA ASP F 61 -14.85 -31.89 6.83
C ASP F 61 -14.60 -32.79 5.65
N LEU F 62 -15.49 -32.71 4.66
CA LEU F 62 -15.40 -33.60 3.52
C LEU F 62 -15.14 -32.80 2.26
N PHE F 63 -14.29 -33.37 1.39
CA PHE F 63 -13.86 -32.74 0.15
C PHE F 63 -13.92 -33.69 -1.04
N VAL F 64 -13.98 -33.14 -2.24
CA VAL F 64 -13.98 -33.97 -3.46
C VAL F 64 -12.87 -33.52 -4.45
N ASP F 65 -12.16 -34.49 -5.02
CA ASP F 65 -11.09 -34.22 -5.99
C ASP F 65 -11.67 -33.52 -7.22
N GLN F 66 -11.14 -32.34 -7.54
CA GLN F 66 -11.57 -31.59 -8.73
C GLN F 66 -11.46 -32.39 -10.02
N LYS F 67 -10.52 -33.33 -10.07
CA LYS F 67 -10.28 -34.15 -11.27
C LYS F 67 -10.96 -35.51 -11.27
N ASP F 68 -11.46 -35.93 -10.10
CA ASP F 68 -12.08 -37.25 -9.94
C ASP F 68 -13.29 -37.16 -8.99
N PRO F 69 -14.51 -37.09 -9.56
CA PRO F 69 -15.74 -36.97 -8.76
C PRO F 69 -16.01 -38.11 -7.77
N GLY F 70 -15.33 -39.24 -7.92
CA GLY F 70 -15.43 -40.38 -7.00
C GLY F 70 -14.34 -40.45 -5.94
N HIS F 71 -13.43 -39.46 -5.96
CA HIS F 71 -12.33 -39.37 -4.99
C HIS F 71 -12.69 -38.39 -3.88
N PHE F 72 -13.07 -38.94 -2.74
CA PHE F 72 -13.52 -38.15 -1.60
C PHE F 72 -12.44 -38.09 -0.53
N VAL F 73 -12.30 -36.94 0.12
CA VAL F 73 -11.28 -36.75 1.14
C VAL F 73 -11.82 -36.14 2.41
N PHE F 74 -11.52 -36.80 3.53
CA PHE F 74 -11.89 -36.33 4.83
C PHE F 74 -10.69 -35.67 5.48
N ILE F 75 -10.89 -34.48 6.01
CA ILE F 75 -9.88 -33.86 6.86
C ILE F 75 -10.48 -33.81 8.27
N GLU F 76 -9.81 -34.52 9.18
CA GLU F 76 -10.29 -34.74 10.54
C GLU F 76 -9.30 -34.20 11.59
N GLU F 77 -9.83 -33.70 12.70
CA GLU F 77 -9.01 -33.30 13.85
C GLU F 77 -9.55 -33.93 15.13
N TRP F 78 -8.65 -34.55 15.89
CA TRP F 78 -9.00 -35.23 17.13
C TRP F 78 -8.04 -34.81 18.25
N PRO F 79 -8.53 -34.74 19.51
CA PRO F 79 -7.65 -34.35 20.61
C PRO F 79 -6.55 -35.38 20.89
N ASP F 80 -6.85 -36.65 20.67
CA ASP F 80 -5.89 -37.73 20.86
C ASP F 80 -6.36 -38.98 20.13
N ARG F 81 -5.51 -40.00 20.11
CA ARG F 81 -5.78 -41.26 19.42
C ARG F 81 -6.99 -41.99 20.02
N ALA F 82 -7.15 -41.87 21.34
CA ALA F 82 -8.28 -42.44 22.08
C ALA F 82 -9.62 -42.02 21.48
N ALA F 83 -9.80 -40.71 21.34
CA ALA F 83 -11.00 -40.12 20.74
C ALA F 83 -11.33 -40.74 19.38
N LEU F 84 -10.29 -41.07 18.61
CA LEU F 84 -10.44 -41.68 17.30
C LEU F 84 -10.82 -43.16 17.42
N ASP F 85 -10.24 -43.85 18.40
CA ASP F 85 -10.60 -45.24 18.67
C ASP F 85 -12.10 -45.33 18.96
N ILE F 86 -12.59 -44.32 19.69
CA ILE F 86 -14.00 -44.18 20.06
C ILE F 86 -14.85 -43.86 18.83
N HIS F 87 -14.32 -43.01 17.96
CA HIS F 87 -14.97 -42.66 16.70
C HIS F 87 -15.25 -43.89 15.83
N ALA F 89 -15.81 -46.66 16.75
CA ALA F 89 -16.65 -47.55 17.54
C ALA F 89 -18.08 -47.00 17.69
N THR F 90 -18.35 -45.84 17.11
CA THR F 90 -19.68 -45.25 17.22
C THR F 90 -20.68 -46.04 16.37
N GLU F 91 -21.97 -45.76 16.58
CA GLU F 91 -23.03 -46.41 15.82
C GLU F 91 -22.93 -46.02 14.34
N HIS F 92 -22.77 -44.73 14.08
CA HIS F 92 -22.75 -44.24 12.71
C HIS F 92 -21.58 -44.77 11.89
N PHE F 93 -20.36 -44.73 12.46
CA PHE F 93 -19.19 -45.25 11.75
C PHE F 93 -19.37 -46.72 11.40
N THR F 94 -19.68 -47.52 12.43
CA THR F 94 -19.89 -48.96 12.30
C THR F 94 -20.92 -49.32 11.25
N ARG F 95 -22.03 -48.57 11.17
CA ARG F 95 -23.10 -48.92 10.23
C ARG F 95 -22.86 -48.36 8.81
N LEU F 96 -22.40 -47.11 8.70
CA LEU F 96 -22.28 -46.43 7.42
C LEU F 96 -21.02 -46.75 6.62
N VAL F 97 -19.88 -46.87 7.30
CA VAL F 97 -18.60 -47.08 6.61
C VAL F 97 -18.53 -48.38 5.76
N PRO F 98 -19.04 -49.52 6.29
CA PRO F 98 -18.95 -50.72 5.47
C PRO F 98 -19.88 -50.67 4.27
N LEU F 99 -20.95 -49.87 4.38
CA LEU F 99 -21.90 -49.69 3.29
C LEU F 99 -21.29 -48.84 2.19
N ILE F 100 -20.63 -47.75 2.59
CA ILE F 100 -19.87 -46.91 1.67
C ILE F 100 -18.83 -47.75 0.94
N ASN F 101 -18.06 -48.53 1.70
CA ASN F 101 -16.98 -49.35 1.15
C ASN F 101 -17.43 -50.43 0.17
N ALA F 102 -18.71 -50.79 0.21
CA ALA F 102 -19.28 -51.75 -0.74
C ALA F 102 -19.19 -51.23 -2.17
N HIS F 103 -19.10 -49.90 -2.30
CA HIS F 103 -19.13 -49.23 -3.59
C HIS F 103 -17.79 -48.56 -3.96
N GLN F 104 -16.67 -49.16 -3.55
CA GLN F 104 -15.35 -48.58 -3.82
C GLN F 104 -14.69 -49.14 -5.08
N ARG F 105 -13.89 -48.30 -5.73
CA ARG F 105 -13.03 -48.71 -6.85
C ARG F 105 -11.85 -49.50 -6.34
N GLN F 106 -11.16 -48.93 -5.34
CA GLN F 106 -9.96 -49.51 -4.76
C GLN F 106 -9.97 -49.30 -3.24
N ASP F 107 -9.00 -49.90 -2.56
CA ASP F 107 -8.82 -49.70 -1.13
C ASP F 107 -8.57 -48.24 -0.83
N GLY F 108 -9.16 -47.76 0.26
CA GLY F 108 -8.94 -46.40 0.72
C GLY F 108 -7.62 -46.27 1.46
N THR F 109 -7.31 -45.07 1.92
CA THR F 109 -6.12 -44.84 2.72
C THR F 109 -6.45 -43.94 3.88
N VAL F 110 -5.66 -44.08 4.95
CA VAL F 110 -5.75 -43.21 6.12
C VAL F 110 -4.33 -42.81 6.51
N VAL F 111 -4.14 -41.53 6.84
CA VAL F 111 -2.86 -41.03 7.36
C VAL F 111 -3.16 -40.25 8.64
N LEU F 112 -2.43 -40.58 9.71
CA LEU F 112 -2.53 -39.88 10.98
C LEU F 112 -1.28 -39.07 11.16
N ASP F 114 1.03 -35.55 13.11
CA ASP F 114 1.30 -34.50 14.07
C ASP F 114 1.56 -33.22 13.29
N ALA F 115 1.27 -32.10 13.92
CA ALA F 115 1.67 -30.79 13.40
C ALA F 115 3.19 -30.66 13.42
N VAL F 116 3.76 -30.05 12.38
CA VAL F 116 5.17 -29.67 12.38
C VAL F 116 5.25 -28.25 12.96
N PRO F 117 5.80 -28.10 14.17
CA PRO F 117 5.81 -26.81 14.90
C PRO F 117 5.61 -25.56 14.02
N LEU G 24 -20.20 -5.36 6.41
CA LEU G 24 -19.91 -6.30 5.34
C LEU G 24 -20.62 -5.85 4.07
N LYS G 25 -19.86 -5.59 3.01
CA LYS G 25 -20.43 -5.21 1.72
C LYS G 25 -20.47 -6.43 0.82
N VAL G 26 -21.55 -6.58 0.06
CA VAL G 26 -21.70 -7.76 -0.78
C VAL G 26 -22.18 -7.34 -2.15
N ILE G 27 -21.59 -7.91 -3.18
CA ILE G 27 -22.12 -7.76 -4.52
C ILE G 27 -22.41 -9.15 -5.05
N ALA G 28 -23.64 -9.33 -5.53
CA ALA G 28 -24.09 -10.59 -6.10
C ALA G 28 -24.65 -10.36 -7.50
N GLN G 29 -24.25 -11.21 -8.44
CA GLN G 29 -24.64 -11.05 -9.83
C GLN G 29 -25.32 -12.32 -10.32
N ASP G 30 -26.43 -12.15 -11.04
CA ASP G 30 -27.18 -13.24 -11.67
C ASP G 30 -27.21 -12.99 -13.16
N PHE G 31 -27.14 -14.06 -13.95
CA PHE G 31 -27.28 -13.96 -15.40
C PHE G 31 -28.46 -14.79 -15.85
N ILE G 32 -29.54 -14.09 -16.20
CA ILE G 32 -30.82 -14.74 -16.49
C ILE G 32 -31.08 -14.82 -18.00
N LYS G 33 -31.52 -15.99 -18.47
CA LYS G 33 -32.00 -16.15 -19.85
C LYS G 33 -32.98 -15.04 -20.20
N PRO G 34 -32.75 -14.34 -21.33
CA PRO G 34 -33.58 -13.17 -21.67
C PRO G 34 -35.08 -13.46 -21.71
N GLU G 35 -35.44 -14.66 -22.14
CA GLU G 35 -36.85 -15.05 -22.27
C GLU G 35 -37.56 -15.25 -20.92
N ALA G 36 -36.78 -15.43 -19.85
CA ALA G 36 -37.32 -15.73 -18.52
C ALA G 36 -37.38 -14.51 -17.57
N ILE G 37 -37.10 -13.33 -18.10
CA ILE G 37 -37.02 -12.11 -17.28
C ILE G 37 -38.36 -11.77 -16.65
N ASP G 38 -39.45 -11.88 -17.43
CA ASP G 38 -40.82 -11.72 -16.93
C ASP G 38 -41.18 -12.68 -15.80
N ILE G 39 -40.56 -13.85 -15.84
CA ILE G 39 -40.78 -14.88 -14.85
C ILE G 39 -40.04 -14.57 -13.53
N VAL G 40 -38.78 -14.13 -13.62
CA VAL G 40 -37.95 -13.92 -12.41
C VAL G 40 -38.10 -12.55 -11.75
N LEU G 41 -38.39 -11.51 -12.54
CA LEU G 41 -38.53 -10.16 -11.98
C LEU G 41 -39.48 -10.05 -10.79
N PRO G 42 -40.67 -10.69 -10.87
CA PRO G 42 -41.60 -10.59 -9.74
C PRO G 42 -41.02 -11.29 -8.49
N LEU G 43 -40.25 -12.35 -8.70
CA LEU G 43 -39.55 -13.03 -7.62
C LEU G 43 -38.48 -12.14 -7.00
N TYR G 44 -37.71 -11.46 -7.85
CA TYR G 44 -36.74 -10.47 -7.39
C TYR G 44 -37.38 -9.38 -6.51
N ARG G 45 -38.48 -8.78 -6.99
CA ARG G 45 -39.16 -7.72 -6.22
C ARG G 45 -39.62 -8.14 -4.81
N GLU G 46 -40.10 -9.38 -4.68
CA GLU G 46 -40.50 -9.93 -3.38
C GLU G 46 -39.24 -10.12 -2.52
N LEU G 47 -38.21 -10.71 -3.12
CA LEU G 47 -36.95 -10.95 -2.44
C LEU G 47 -36.37 -9.65 -1.87
N VAL G 48 -36.37 -8.60 -2.67
CA VAL G 48 -35.93 -7.28 -2.21
C VAL G 48 -36.79 -6.75 -1.05
N GLU G 49 -38.12 -6.76 -1.21
CA GLU G 49 -39.03 -6.27 -0.16
C GLU G 49 -38.87 -7.05 1.15
N LYS G 50 -38.79 -8.36 1.03
CA LYS G 50 -38.68 -9.21 2.21
C LYS G 50 -37.32 -9.06 2.90
N THR G 51 -36.27 -8.89 2.11
CA THR G 51 -34.92 -8.74 2.67
C THR G 51 -34.76 -7.41 3.38
N ARG G 52 -35.35 -6.35 2.81
CA ARG G 52 -35.30 -5.04 3.43
C ARG G 52 -36.00 -4.97 4.78
N GLN G 53 -36.85 -5.97 5.06
CA GLN G 53 -37.58 -6.04 6.32
C GLN G 53 -36.81 -6.81 7.39
N GLU G 54 -35.77 -7.52 6.98
CA GLU G 54 -34.85 -8.13 7.93
C GLU G 54 -34.27 -6.98 8.79
N PRO G 55 -34.46 -7.07 10.12
CA PRO G 55 -33.94 -6.06 11.05
C PRO G 55 -32.43 -5.84 10.90
N LEU G 56 -31.71 -6.90 10.57
CA LEU G 56 -30.24 -6.86 10.44
C LEU G 56 -29.75 -6.34 9.09
N LEU G 58 -28.92 -3.77 6.37
CA LEU G 58 -28.57 -2.36 6.31
C LEU G 58 -28.95 -1.74 4.97
N ALA G 59 -28.73 -2.47 3.88
CA ALA G 59 -29.12 -1.98 2.56
C ALA G 59 -29.18 -3.18 1.66
N TYR G 60 -30.14 -3.15 0.75
CA TYR G 60 -30.28 -4.24 -0.22
C TYR G 60 -30.96 -3.62 -1.42
N ASP G 61 -30.22 -3.50 -2.52
CA ASP G 61 -30.74 -2.89 -3.74
C ASP G 61 -30.39 -3.70 -4.99
N LEU G 62 -31.32 -3.70 -5.94
CA LEU G 62 -31.18 -4.45 -7.19
C LEU G 62 -31.03 -3.51 -8.39
N PHE G 63 -30.12 -3.89 -9.27
CA PHE G 63 -29.78 -3.10 -10.45
C PHE G 63 -29.69 -4.02 -11.66
N VAL G 64 -29.74 -3.44 -12.84
CA VAL G 64 -29.61 -4.20 -14.06
C VAL G 64 -28.60 -3.53 -14.99
N ASP G 65 -27.77 -4.36 -15.62
CA ASP G 65 -26.74 -3.96 -16.54
C ASP G 65 -27.39 -3.27 -17.74
N GLN G 66 -26.92 -2.06 -18.04
CA GLN G 66 -27.39 -1.32 -19.21
C GLN G 66 -27.17 -2.06 -20.54
N LYS G 67 -26.22 -2.99 -20.55
CA LYS G 67 -25.91 -3.72 -21.79
C LYS G 67 -26.53 -5.10 -21.85
N ASP G 68 -27.05 -5.59 -20.73
CA ASP G 68 -27.56 -6.94 -20.69
C ASP G 68 -28.79 -7.01 -19.77
N PRO G 69 -30.01 -7.00 -20.36
CA PRO G 69 -31.30 -7.01 -19.65
C PRO G 69 -31.49 -8.16 -18.65
N GLY G 70 -30.72 -9.24 -18.80
CA GLY G 70 -30.80 -10.39 -17.91
C GLY G 70 -29.67 -10.45 -16.87
N HIS G 71 -28.86 -9.40 -16.83
CA HIS G 71 -27.73 -9.34 -15.88
C HIS G 71 -28.13 -8.49 -14.69
N PHE G 72 -28.55 -9.16 -13.61
CA PHE G 72 -29.03 -8.48 -12.40
C PHE G 72 -27.94 -8.41 -11.34
N VAL G 73 -27.89 -7.28 -10.63
CA VAL G 73 -26.84 -7.07 -9.64
C VAL G 73 -27.45 -6.63 -8.33
N PHE G 74 -27.20 -7.41 -7.28
CA PHE G 74 -27.54 -6.99 -5.91
C PHE G 74 -26.39 -6.28 -5.24
N ILE G 75 -26.68 -5.16 -4.60
CA ILE G 75 -25.69 -4.50 -3.80
C ILE G 75 -26.23 -4.49 -2.39
N GLU G 76 -25.51 -5.14 -1.48
CA GLU G 76 -26.01 -5.36 -0.12
C GLU G 76 -25.03 -4.86 0.95
N GLU G 77 -25.60 -4.52 2.10
CA GLU G 77 -24.83 -4.12 3.26
C GLU G 77 -25.38 -4.80 4.52
N TRP G 78 -24.46 -5.40 5.28
CA TRP G 78 -24.79 -6.14 6.48
C TRP G 78 -23.85 -5.69 7.62
N PRO G 79 -24.28 -5.83 8.89
CA PRO G 79 -23.37 -5.42 9.97
C PRO G 79 -22.23 -6.40 10.19
N ASP G 80 -22.44 -7.68 9.84
CA ASP G 80 -21.41 -8.73 9.97
C ASP G 80 -21.79 -9.96 9.15
N ARG G 81 -20.88 -10.94 9.10
CA ARG G 81 -21.08 -12.16 8.34
C ARG G 81 -22.26 -12.96 8.89
N ALA G 82 -22.46 -12.87 10.20
CA ALA G 82 -23.57 -13.53 10.89
C ALA G 82 -24.91 -13.07 10.31
N ALA G 83 -25.08 -11.75 10.17
CA ALA G 83 -26.32 -11.19 9.60
C ALA G 83 -26.58 -11.69 8.17
N LEU G 84 -25.51 -11.97 7.42
CA LEU G 84 -25.63 -12.53 6.08
C LEU G 84 -26.04 -14.01 6.13
N ASP G 85 -25.49 -14.77 7.07
CA ASP G 85 -25.83 -16.20 7.17
C ASP G 85 -27.29 -16.37 7.56
N ILE G 86 -27.79 -15.46 8.39
CA ILE G 86 -29.19 -15.44 8.79
C ILE G 86 -30.04 -15.24 7.53
N HIS G 87 -29.72 -14.18 6.79
CA HIS G 87 -30.38 -13.86 5.53
C HIS G 87 -30.49 -15.07 4.62
N ALA G 89 -30.66 -18.06 5.35
CA ALA G 89 -31.45 -19.11 5.94
C ALA G 89 -32.93 -18.74 6.03
N THR G 90 -33.25 -17.48 5.71
CA THR G 90 -34.64 -17.01 5.78
C THR G 90 -35.56 -17.76 4.83
N GLU G 91 -36.85 -17.59 5.07
CA GLU G 91 -37.91 -18.23 4.31
C GLU G 91 -37.87 -17.71 2.86
N HIS G 92 -37.85 -16.39 2.72
CA HIS G 92 -37.85 -15.79 1.39
C HIS G 92 -36.63 -16.15 0.58
N PHE G 93 -35.46 -16.16 1.21
CA PHE G 93 -34.24 -16.59 0.51
C PHE G 93 -34.30 -18.04 0.03
N THR G 94 -34.61 -18.96 0.93
CA THR G 94 -34.59 -20.40 0.63
C THR G 94 -35.66 -20.80 -0.40
N ARG G 95 -36.78 -20.09 -0.37
CA ARG G 95 -37.91 -20.33 -1.25
C ARG G 95 -37.66 -19.76 -2.65
N LEU G 96 -37.25 -18.49 -2.70
CA LEU G 96 -37.19 -17.74 -3.95
C LEU G 96 -35.94 -17.93 -4.82
N VAL G 97 -34.77 -17.95 -4.18
CA VAL G 97 -33.50 -18.07 -4.89
C VAL G 97 -33.43 -19.30 -5.81
N PRO G 98 -33.92 -20.46 -5.34
CA PRO G 98 -33.87 -21.64 -6.21
C PRO G 98 -34.80 -21.55 -7.40
N LEU G 99 -35.91 -20.81 -7.26
CA LEU G 99 -36.83 -20.61 -8.38
C LEU G 99 -36.26 -19.62 -9.37
N ILE G 100 -35.43 -18.71 -8.87
CA ILE G 100 -34.72 -17.75 -9.71
C ILE G 100 -33.59 -18.45 -10.47
N ASN G 101 -32.80 -19.23 -9.73
CA ASN G 101 -31.68 -19.97 -10.30
C ASN G 101 -32.07 -20.94 -11.41
N ALA G 102 -33.33 -21.37 -11.42
CA ALA G 102 -33.80 -22.31 -12.43
C ALA G 102 -33.73 -21.70 -13.84
N HIS G 103 -33.77 -20.37 -13.92
CA HIS G 103 -33.81 -19.68 -15.21
C HIS G 103 -32.50 -18.97 -15.59
N GLN G 104 -31.40 -19.37 -14.95
CA GLN G 104 -30.10 -18.76 -15.22
C GLN G 104 -29.50 -19.28 -16.52
N ARG G 105 -28.67 -18.47 -17.17
CA ARG G 105 -27.90 -18.92 -18.33
C ARG G 105 -26.49 -19.34 -17.91
N GLN G 106 -26.01 -18.76 -16.81
CA GLN G 106 -24.70 -19.07 -16.24
C GLN G 106 -24.80 -19.07 -14.72
N ASP G 107 -23.80 -19.67 -14.07
CA ASP G 107 -23.62 -19.55 -12.64
C ASP G 107 -23.50 -18.07 -12.28
N GLY G 108 -24.04 -17.71 -11.12
CA GLY G 108 -23.87 -16.34 -10.63
C GLY G 108 -22.58 -16.26 -9.83
N THR G 109 -22.28 -15.06 -9.33
CA THR G 109 -21.09 -14.82 -8.54
C THR G 109 -21.46 -13.97 -7.34
N VAL G 110 -20.68 -14.09 -6.28
CA VAL G 110 -20.88 -13.29 -5.08
C VAL G 110 -19.52 -12.81 -4.61
N VAL G 111 -19.42 -11.54 -4.21
CA VAL G 111 -18.18 -11.02 -3.62
C VAL G 111 -18.51 -10.44 -2.26
N LEU G 112 -17.76 -10.87 -1.25
CA LEU G 112 -17.85 -10.33 0.10
C LEU G 112 -16.68 -9.39 0.33
N ASP G 114 -14.71 -5.81 2.49
CA ASP G 114 -14.53 -4.81 3.53
C ASP G 114 -14.31 -3.46 2.86
N ALA G 115 -14.71 -2.41 3.54
CA ALA G 115 -14.41 -1.04 3.13
C ALA G 115 -12.90 -0.78 3.24
N VAL G 116 -12.36 -0.06 2.26
CA VAL G 116 -10.96 0.35 2.30
C VAL G 116 -10.90 1.64 3.12
N PRO G 117 -10.15 1.63 4.23
CA PRO G 117 -10.08 2.86 5.02
C PRO G 117 -9.14 3.90 4.38
N LEU H 24 -27.21 6.76 -12.36
CA LEU H 24 -26.36 5.75 -12.99
C LEU H 24 -25.49 5.13 -11.90
N LYS H 25 -25.57 3.81 -11.77
CA LYS H 25 -24.81 3.09 -10.74
C LYS H 25 -23.70 2.34 -11.44
N VAL H 26 -22.49 2.40 -10.87
CA VAL H 26 -21.34 1.80 -11.52
C VAL H 26 -20.64 0.86 -10.55
N ILE H 27 -20.33 -0.34 -11.04
CA ILE H 27 -19.38 -1.22 -10.37
C ILE H 27 -18.12 -1.39 -11.22
N ALA H 28 -16.98 -1.09 -10.61
CA ALA H 28 -15.67 -1.23 -11.26
C ALA H 28 -14.79 -2.14 -10.39
N GLN H 29 -14.04 -3.03 -11.02
CA GLN H 29 -13.20 -3.98 -10.31
C GLN H 29 -11.78 -3.96 -10.89
N ASP H 30 -10.81 -3.85 -9.99
CA ASP H 30 -9.40 -3.98 -10.31
C ASP H 30 -8.81 -5.24 -9.67
N PHE H 31 -7.85 -5.85 -10.35
CA PHE H 31 -7.15 -7.02 -9.84
C PHE H 31 -5.68 -6.65 -9.87
N ILE H 32 -5.12 -6.41 -8.67
CA ILE H 32 -3.77 -5.87 -8.49
C ILE H 32 -2.83 -7.00 -8.06
N LYS H 33 -1.65 -7.06 -8.68
CA LYS H 33 -0.61 -8.01 -8.22
C LYS H 33 -0.36 -7.81 -6.73
N PRO H 34 -0.38 -8.92 -5.94
CA PRO H 34 -0.29 -8.84 -4.48
C PRO H 34 0.96 -8.12 -3.96
N GLU H 35 2.08 -8.29 -4.64
CA GLU H 35 3.33 -7.57 -4.32
C GLU H 35 3.21 -6.03 -4.48
N ALA H 36 2.19 -5.58 -5.22
CA ALA H 36 2.00 -4.17 -5.53
C ALA H 36 0.92 -3.47 -4.68
N ILE H 37 0.35 -4.21 -3.73
CA ILE H 37 -0.76 -3.68 -2.94
C ILE H 37 -0.38 -2.43 -2.15
N ASP H 38 0.78 -2.43 -1.48
CA ASP H 38 1.16 -1.28 -0.66
C ASP H 38 1.50 -0.02 -1.45
N ILE H 39 1.95 -0.20 -2.69
CA ILE H 39 2.18 0.91 -3.62
C ILE H 39 0.84 1.57 -4.05
N VAL H 40 -0.15 0.76 -4.38
CA VAL H 40 -1.41 1.31 -4.94
C VAL H 40 -2.38 1.86 -3.91
N LEU H 41 -2.28 1.40 -2.67
CA LEU H 41 -3.17 1.90 -1.62
C LEU H 41 -3.19 3.43 -1.48
N PRO H 42 -2.02 4.11 -1.40
CA PRO H 42 -2.13 5.57 -1.32
C PRO H 42 -2.67 6.23 -2.58
N LEU H 43 -2.50 5.58 -3.72
CA LEU H 43 -3.04 6.07 -4.98
C LEU H 43 -4.58 5.97 -4.98
N TYR H 44 -5.09 4.79 -4.58
CA TYR H 44 -6.52 4.62 -4.37
C TYR H 44 -7.09 5.65 -3.40
N ARG H 45 -6.39 5.91 -2.30
CA ARG H 45 -6.89 6.86 -1.29
C ARG H 45 -7.02 8.27 -1.88
N GLU H 46 -6.04 8.68 -2.70
CA GLU H 46 -6.12 9.97 -3.37
C GLU H 46 -7.23 9.98 -4.39
N LEU H 47 -7.32 8.91 -5.18
CA LEU H 47 -8.37 8.80 -6.19
C LEU H 47 -9.78 8.94 -5.60
N VAL H 48 -10.00 8.29 -4.45
CA VAL H 48 -11.27 8.34 -3.74
C VAL H 48 -11.51 9.75 -3.19
N GLU H 49 -10.54 10.27 -2.44
CA GLU H 49 -10.62 11.61 -1.86
C GLU H 49 -10.97 12.69 -2.91
N LYS H 50 -10.24 12.70 -4.02
CA LYS H 50 -10.43 13.67 -5.11
C LYS H 50 -11.73 13.47 -5.90
N THR H 51 -12.13 12.21 -6.10
CA THR H 51 -13.37 11.94 -6.81
C THR H 51 -14.59 12.43 -6.03
N ARG H 52 -14.58 12.24 -4.72
CA ARG H 52 -15.69 12.67 -3.87
C ARG H 52 -15.84 14.20 -3.84
N GLN H 53 -14.84 14.90 -4.35
CA GLN H 53 -14.86 16.37 -4.40
C GLN H 53 -15.36 16.88 -5.74
N GLU H 54 -15.56 15.96 -6.69
CA GLU H 54 -16.17 16.33 -7.98
C GLU H 54 -17.60 16.82 -7.71
N PRO H 55 -17.91 18.07 -8.09
CA PRO H 55 -19.23 18.62 -7.78
C PRO H 55 -20.37 17.66 -8.10
N LEU H 56 -20.22 16.91 -9.19
CA LEU H 56 -21.26 16.02 -9.72
C LEU H 56 -21.23 14.57 -9.18
N LEU H 58 -22.11 11.67 -6.77
CA LEU H 58 -23.13 11.37 -5.76
C LEU H 58 -22.60 10.46 -4.66
N ALA H 59 -21.99 9.34 -5.04
CA ALA H 59 -21.36 8.42 -4.10
C ALA H 59 -20.16 7.76 -4.77
N TYR H 60 -19.10 7.51 -3.99
CA TYR H 60 -17.89 6.87 -4.50
C TYR H 60 -17.19 6.18 -3.35
N ASP H 61 -17.21 4.86 -3.38
CA ASP H 61 -16.73 4.08 -2.26
C ASP H 61 -15.88 2.95 -2.76
N LEU H 62 -14.83 2.66 -2.01
CA LEU H 62 -13.90 1.63 -2.41
C LEU H 62 -13.93 0.49 -1.42
N PHE H 63 -13.90 -0.74 -1.93
CA PHE H 63 -13.95 -1.94 -1.09
C PHE H 63 -12.88 -2.91 -1.54
N VAL H 64 -12.61 -3.91 -0.71
CA VAL H 64 -11.67 -4.95 -1.10
C VAL H 64 -12.25 -6.33 -0.72
N ASP H 65 -12.09 -7.26 -1.65
CA ASP H 65 -12.50 -8.64 -1.53
C ASP H 65 -11.90 -9.24 -0.26
N GLN H 66 -12.76 -9.80 0.61
CA GLN H 66 -12.29 -10.48 1.82
C GLN H 66 -11.34 -11.65 1.55
N LYS H 67 -11.42 -12.21 0.35
CA LYS H 67 -10.61 -13.37 0.00
C LYS H 67 -9.43 -13.05 -0.93
N ASP H 68 -9.25 -11.76 -1.26
CA ASP H 68 -8.19 -11.32 -2.20
C ASP H 68 -7.88 -9.84 -1.93
N PRO H 69 -6.82 -9.57 -1.16
CA PRO H 69 -6.50 -8.21 -0.73
C PRO H 69 -6.08 -7.32 -1.89
N GLY H 70 -5.96 -7.89 -3.09
CA GLY H 70 -5.62 -7.12 -4.29
C GLY H 70 -6.78 -6.94 -5.28
N HIS H 71 -7.95 -7.48 -4.93
CA HIS H 71 -9.18 -7.36 -5.72
C HIS H 71 -10.00 -6.18 -5.15
N PHE H 72 -9.88 -5.03 -5.80
CA PHE H 72 -10.52 -3.79 -5.33
C PHE H 72 -11.80 -3.55 -6.10
N VAL H 73 -12.81 -3.01 -5.41
CA VAL H 73 -14.12 -2.85 -6.02
C VAL H 73 -14.65 -1.45 -5.72
N PHE H 74 -14.98 -0.72 -6.77
CA PHE H 74 -15.57 0.62 -6.65
C PHE H 74 -17.06 0.48 -6.82
N ILE H 75 -17.81 1.15 -5.95
CA ILE H 75 -19.26 1.28 -6.13
C ILE H 75 -19.51 2.77 -6.19
N GLU H 76 -20.07 3.20 -7.32
CA GLU H 76 -20.18 4.62 -7.63
C GLU H 76 -21.61 4.94 -8.01
N GLU H 77 -21.98 6.19 -7.79
CA GLU H 77 -23.29 6.72 -8.13
C GLU H 77 -23.08 8.07 -8.82
N TRP H 78 -23.56 8.15 -10.05
CA TRP H 78 -23.49 9.39 -10.81
C TRP H 78 -24.89 9.86 -11.16
N PRO H 79 -25.09 11.19 -11.29
CA PRO H 79 -26.42 11.61 -11.76
C PRO H 79 -26.72 11.15 -13.19
N ASP H 80 -25.71 10.94 -14.03
CA ASP H 80 -25.92 10.56 -15.43
C ASP H 80 -24.60 10.19 -16.11
N ARG H 81 -24.66 9.73 -17.36
CA ARG H 81 -23.47 9.31 -18.09
C ARG H 81 -22.44 10.45 -18.29
N ALA H 82 -22.94 11.67 -18.52
CA ALA H 82 -22.05 12.81 -18.74
C ALA H 82 -21.18 13.12 -17.51
N ALA H 83 -21.73 12.94 -16.32
CA ALA H 83 -20.96 13.23 -15.12
C ALA H 83 -19.84 12.19 -14.95
N LEU H 84 -20.09 10.97 -15.46
CA LEU H 84 -19.09 9.89 -15.50
C LEU H 84 -17.98 10.15 -16.52
N ASP H 85 -18.36 10.57 -17.74
CA ASP H 85 -17.37 10.99 -18.75
C ASP H 85 -16.45 12.09 -18.21
N ILE H 86 -17.02 13.05 -17.49
CA ILE H 86 -16.26 14.13 -16.82
C ILE H 86 -15.30 13.56 -15.75
N HIS H 87 -15.77 12.58 -15.01
CA HIS H 87 -14.92 11.89 -14.05
C HIS H 87 -13.71 11.26 -14.75
N ALA H 89 -12.16 12.14 -17.31
CA ALA H 89 -11.26 13.11 -17.93
C ALA H 89 -10.55 13.94 -16.90
N THR H 90 -10.91 13.77 -15.62
CA THR H 90 -10.25 14.54 -14.57
C THR H 90 -8.75 14.29 -14.51
N GLU H 91 -8.05 15.27 -13.94
CA GLU H 91 -6.62 15.19 -13.70
C GLU H 91 -6.33 13.99 -12.79
N HIS H 92 -7.06 13.87 -11.67
CA HIS H 92 -6.83 12.74 -10.73
C HIS H 92 -7.03 11.37 -11.35
N PHE H 93 -8.14 11.20 -12.09
CA PHE H 93 -8.38 9.95 -12.79
C PHE H 93 -7.28 9.67 -13.79
N THR H 94 -7.00 10.64 -14.66
CA THR H 94 -6.05 10.41 -15.77
C THR H 94 -4.62 10.19 -15.30
N ARG H 95 -4.26 10.74 -14.13
CA ARG H 95 -2.95 10.50 -13.51
C ARG H 95 -2.91 9.19 -12.66
N LEU H 96 -3.87 9.04 -11.74
CA LEU H 96 -3.82 7.95 -10.76
C LEU H 96 -4.18 6.59 -11.34
N VAL H 97 -5.10 6.54 -12.29
CA VAL H 97 -5.59 5.27 -12.82
C VAL H 97 -4.54 4.46 -13.61
N PRO H 98 -3.81 5.10 -14.55
CA PRO H 98 -2.74 4.37 -15.23
C PRO H 98 -1.62 3.91 -14.28
N LEU H 99 -1.36 4.68 -13.21
CA LEU H 99 -0.34 4.36 -12.21
C LEU H 99 -0.73 3.12 -11.39
N ILE H 100 -2.01 3.02 -11.03
CA ILE H 100 -2.54 1.83 -10.37
C ILE H 100 -2.55 0.65 -11.33
N ASN H 101 -3.10 0.85 -12.52
CA ASN H 101 -3.23 -0.22 -13.50
C ASN H 101 -1.91 -0.78 -14.04
N ALA H 102 -0.80 -0.06 -13.79
CA ALA H 102 0.55 -0.56 -14.12
C ALA H 102 0.82 -1.88 -13.39
N HIS H 103 0.13 -2.07 -12.26
CA HIS H 103 0.32 -3.23 -11.41
C HIS H 103 -0.83 -4.28 -11.48
N GLN H 104 -1.64 -4.21 -12.52
CA GLN H 104 -2.76 -5.14 -12.67
C GLN H 104 -2.32 -6.57 -13.05
N ARG H 105 -3.02 -7.57 -12.51
CA ARG H 105 -2.84 -8.98 -12.91
C ARG H 105 -3.52 -9.29 -14.23
N GLN H 106 -4.59 -8.54 -14.50
CA GLN H 106 -5.46 -8.75 -15.66
C GLN H 106 -6.29 -7.48 -15.82
N ASP H 107 -6.95 -7.36 -16.97
CA ASP H 107 -7.82 -6.21 -17.24
C ASP H 107 -8.90 -6.09 -16.17
N GLY H 108 -9.22 -4.86 -15.80
CA GLY H 108 -10.32 -4.59 -14.87
C GLY H 108 -11.65 -4.72 -15.61
N THR H 109 -12.75 -4.67 -14.87
CA THR H 109 -14.10 -4.68 -15.46
C THR H 109 -14.92 -3.51 -14.95
N VAL H 110 -15.90 -3.10 -15.75
CA VAL H 110 -16.79 -1.99 -15.39
C VAL H 110 -18.20 -2.39 -15.84
N VAL H 111 -19.18 -2.21 -14.96
CA VAL H 111 -20.60 -2.44 -15.30
C VAL H 111 -21.35 -1.14 -15.03
N LEU H 112 -22.12 -0.68 -16.01
CA LEU H 112 -22.97 0.49 -15.84
C LEU H 112 -24.40 -0.02 -15.68
N ASP H 114 -28.80 0.46 -14.29
CA ASP H 114 -30.01 1.18 -13.86
C ASP H 114 -30.57 0.49 -12.61
N ALA H 115 -31.14 1.28 -11.70
CA ALA H 115 -31.93 0.73 -10.61
C ALA H 115 -33.13 -0.07 -11.16
N VAL H 116 -33.45 -1.20 -10.53
CA VAL H 116 -34.66 -1.95 -10.90
C VAL H 116 -35.81 -1.41 -10.05
N PRO H 117 -36.87 -0.90 -10.70
CA PRO H 117 -37.95 -0.17 -10.00
C PRO H 117 -38.66 -0.99 -8.92
N LEU I 24 40.23 17.45 9.68
CA LEU I 24 39.24 17.80 8.66
C LEU I 24 38.74 19.17 9.03
N LYS I 25 38.95 20.15 8.15
CA LYS I 25 38.35 21.50 8.31
C LYS I 25 37.09 21.62 7.45
N VAL I 26 36.00 22.16 8.04
CA VAL I 26 34.75 22.23 7.35
C VAL I 26 34.22 23.66 7.44
N ILE I 27 33.72 24.20 6.33
CA ILE I 27 32.92 25.41 6.34
C ILE I 27 31.56 25.02 5.80
N ALA I 28 30.53 25.45 6.51
CA ALA I 28 29.16 25.20 6.08
C ALA I 28 28.40 26.52 6.20
N GLN I 29 27.49 26.75 5.27
CA GLN I 29 26.69 27.99 5.26
C GLN I 29 25.22 27.70 5.14
N ASP I 30 24.42 28.51 5.83
CA ASP I 30 22.97 28.41 5.82
C ASP I 30 22.47 29.77 5.35
N PHE I 31 21.32 29.79 4.69
CA PHE I 31 20.68 31.07 4.27
C PHE I 31 19.27 30.98 4.75
N ILE I 32 18.94 31.77 5.77
CA ILE I 32 17.67 31.68 6.45
C ILE I 32 16.77 32.87 6.04
N LYS I 33 15.49 32.60 5.81
CA LYS I 33 14.45 33.65 5.61
C LYS I 33 14.47 34.63 6.76
N PRO I 34 14.52 35.97 6.47
CA PRO I 34 14.70 36.93 7.56
C PRO I 34 13.55 36.93 8.59
N GLU I 35 12.33 36.54 8.19
CA GLU I 35 11.17 36.41 9.12
C GLU I 35 11.48 35.42 10.25
N ALA I 36 12.42 34.52 9.99
CA ALA I 36 12.67 33.35 10.87
C ALA I 36 13.98 33.43 11.65
N ILE I 37 14.71 34.54 11.56
CA ILE I 37 15.98 34.69 12.26
C ILE I 37 15.81 34.55 13.78
N ASP I 38 14.82 35.25 14.35
CA ASP I 38 14.53 35.11 15.77
C ASP I 38 14.14 33.66 16.18
N ILE I 39 13.48 32.91 15.29
CA ILE I 39 13.13 31.51 15.53
C ILE I 39 14.38 30.60 15.59
N VAL I 40 15.25 30.74 14.60
CA VAL I 40 16.39 29.82 14.47
C VAL I 40 17.59 30.15 15.36
N LEU I 41 17.75 31.42 15.74
CA LEU I 41 18.88 31.76 16.63
C LEU I 41 18.98 30.85 17.88
N PRO I 42 17.86 30.62 18.61
CA PRO I 42 18.05 29.76 19.80
C PRO I 42 18.41 28.34 19.43
N LEU I 43 17.92 27.87 18.29
CA LEU I 43 18.21 26.55 17.78
C LEU I 43 19.71 26.43 17.42
N TYR I 44 20.25 27.43 16.72
CA TYR I 44 21.71 27.53 16.51
C TYR I 44 22.47 27.53 17.82
N ARG I 45 22.07 28.35 18.80
CA ARG I 45 22.82 28.36 20.07
C ARG I 45 22.85 26.95 20.75
N GLU I 46 21.72 26.24 20.71
CA GLU I 46 21.69 24.85 21.22
C GLU I 46 22.55 23.89 20.40
N LEU I 47 22.45 23.97 19.08
CA LEU I 47 23.29 23.17 18.18
C LEU I 47 24.78 23.38 18.47
N VAL I 48 25.18 24.63 18.63
CA VAL I 48 26.57 24.94 18.97
C VAL I 48 26.99 24.33 20.32
N GLU I 49 26.18 24.56 21.35
CA GLU I 49 26.48 24.08 22.72
C GLU I 49 26.61 22.54 22.79
N LYS I 50 25.67 21.83 22.18
CA LYS I 50 25.65 20.37 22.23
C LYS I 50 26.72 19.76 21.30
N THR I 51 26.96 20.40 20.15
CA THR I 51 28.05 19.93 19.28
C THR I 51 29.43 20.05 19.93
N ARG I 52 29.70 21.18 20.58
CA ARG I 52 30.94 21.32 21.30
C ARG I 52 31.12 20.21 22.37
N GLN I 53 30.02 19.69 22.89
CA GLN I 53 30.10 18.66 23.93
C GLN I 53 30.31 17.26 23.32
N GLU I 54 30.28 17.15 22.00
CA GLU I 54 30.59 15.84 21.38
C GLU I 54 32.05 15.50 21.68
N PRO I 55 32.33 14.27 22.19
CA PRO I 55 33.74 13.96 22.50
C PRO I 55 34.71 14.15 21.32
N LEU I 56 34.29 13.85 20.11
CA LEU I 56 35.14 13.95 18.94
C LEU I 56 35.20 15.36 18.33
N LEU I 58 36.47 18.94 17.72
CA LEU I 58 37.68 19.72 18.04
C LEU I 58 37.42 21.22 18.15
N ALA I 59 36.68 21.78 17.20
CA ALA I 59 36.28 23.19 17.29
C ALA I 59 35.02 23.37 16.46
N TYR I 60 34.13 24.23 16.95
CA TYR I 60 32.86 24.43 16.26
C TYR I 60 32.41 25.81 16.65
N ASP I 61 32.41 26.67 15.65
CA ASP I 61 32.10 28.09 15.86
C ASP I 61 31.17 28.60 14.82
N LEU I 62 30.27 29.49 15.23
CA LEU I 62 29.24 29.98 14.33
C LEU I 62 29.45 31.48 14.14
N PHE I 63 29.30 31.92 12.90
CA PHE I 63 29.48 33.32 12.52
C PHE I 63 28.29 33.78 11.72
N VAL I 64 28.17 35.09 11.55
CA VAL I 64 27.12 35.62 10.67
C VAL I 64 27.70 36.71 9.74
N ASP I 65 27.22 36.72 8.50
CA ASP I 65 27.68 37.62 7.45
C ASP I 65 27.29 39.05 7.88
N GLN I 66 28.27 39.96 7.89
CA GLN I 66 28.01 41.39 8.23
C GLN I 66 26.96 42.08 7.34
N LYS I 67 26.75 41.59 6.14
CA LYS I 67 25.82 42.23 5.21
C LYS I 67 24.48 41.49 5.09
N ASP I 68 24.36 40.34 5.77
CA ASP I 68 23.16 39.52 5.71
C ASP I 68 22.95 38.77 7.05
N PRO I 69 22.03 39.27 7.90
CA PRO I 69 21.85 38.66 9.24
C PRO I 69 21.19 37.28 9.26
N GLY I 70 20.77 36.77 8.09
CA GLY I 70 20.24 35.42 7.98
C GLY I 70 21.23 34.47 7.31
N HIS I 71 22.44 34.96 7.02
CA HIS I 71 23.47 34.15 6.33
C HIS I 71 24.47 33.72 7.39
N PHE I 72 24.30 32.47 7.82
CA PHE I 72 25.09 31.90 8.93
C PHE I 72 26.18 30.97 8.43
N VAL I 73 27.33 30.98 9.10
CA VAL I 73 28.52 30.24 8.63
C VAL I 73 29.15 29.50 9.79
N PHE I 74 29.28 28.20 9.62
CA PHE I 74 29.96 27.36 10.59
C PHE I 74 31.40 27.11 10.15
N ILE I 75 32.34 27.23 11.08
CA ILE I 75 33.72 26.82 10.83
C ILE I 75 33.99 25.70 11.82
N GLU I 76 34.37 24.54 11.30
CA GLU I 76 34.36 23.30 12.11
C GLU I 76 35.69 22.58 11.96
N GLU I 77 36.09 21.85 13.01
CA GLU I 77 37.31 21.03 12.99
C GLU I 77 36.98 19.66 13.61
N TRP I 78 37.29 18.62 12.87
CA TRP I 78 37.00 17.26 13.26
C TRP I 78 38.27 16.43 13.05
N PRO I 79 38.45 15.37 13.85
CA PRO I 79 39.70 14.62 13.60
C PRO I 79 39.72 13.96 12.25
N ASP I 80 38.56 13.54 11.76
CA ASP I 80 38.45 12.86 10.49
C ASP I 80 36.99 12.81 10.06
N ARG I 81 36.75 12.29 8.85
CA ARG I 81 35.41 12.14 8.32
C ARG I 81 34.48 11.34 9.22
N ALA I 82 35.01 10.29 9.85
CA ALA I 82 34.20 9.39 10.68
C ALA I 82 33.62 10.15 11.88
N ALA I 83 34.41 11.08 12.43
CA ALA I 83 33.91 11.95 13.49
C ALA I 83 32.72 12.82 12.99
N LEU I 84 32.78 13.21 11.73
CA LEU I 84 31.72 14.05 11.15
C LEU I 84 30.47 13.22 10.94
N ASP I 85 30.65 11.96 10.54
CA ASP I 85 29.56 11.03 10.37
C ASP I 85 28.78 10.87 11.67
N ILE I 86 29.51 10.79 12.78
CA ILE I 86 28.90 10.64 14.09
C ILE I 86 28.17 11.94 14.50
N HIS I 87 28.81 13.07 14.22
CA HIS I 87 28.14 14.36 14.42
C HIS I 87 26.77 14.34 13.71
N ALA I 89 24.84 11.98 13.02
CA ALA I 89 23.89 11.04 13.59
C ALA I 89 23.40 11.41 14.99
N THR I 90 24.00 12.42 15.61
CA THR I 90 23.59 12.81 16.95
C THR I 90 22.14 13.26 16.97
N GLU I 91 21.55 13.17 18.16
CA GLU I 91 20.19 13.61 18.42
C GLU I 91 20.02 15.12 18.20
N HIS I 92 20.95 15.92 18.74
CA HIS I 92 20.85 17.37 18.52
C HIS I 92 20.94 17.73 17.05
N PHE I 93 21.82 17.08 16.29
CA PHE I 93 21.90 17.35 14.86
C PHE I 93 20.61 16.94 14.15
N THR I 94 20.15 15.74 14.47
CA THR I 94 18.99 15.13 13.85
C THR I 94 17.67 15.89 14.12
N ARG I 95 17.60 16.54 15.28
CA ARG I 95 16.44 17.30 15.72
C ARG I 95 16.52 18.75 15.21
N LEU I 96 17.63 19.42 15.51
CA LEU I 96 17.75 20.86 15.29
C LEU I 96 17.95 21.24 13.82
N VAL I 97 18.75 20.45 13.11
CA VAL I 97 19.06 20.84 11.73
C VAL I 97 17.82 20.92 10.83
N PRO I 98 16.92 19.94 10.90
CA PRO I 98 15.72 20.11 10.05
C PRO I 98 14.79 21.23 10.52
N LEU I 99 14.78 21.54 11.82
CA LEU I 99 13.97 22.66 12.33
C LEU I 99 14.49 24.00 11.81
N ILE I 100 15.80 24.14 11.78
CA ILE I 100 16.45 25.31 11.16
C ILE I 100 16.19 25.37 9.64
N ASN I 101 16.40 24.26 8.97
CA ASN I 101 16.27 24.19 7.52
C ASN I 101 14.85 24.32 6.99
N ALA I 102 13.85 24.06 7.84
CA ALA I 102 12.46 24.38 7.50
C ALA I 102 12.30 25.85 7.05
N HIS I 103 13.19 26.71 7.54
CA HIS I 103 13.13 28.16 7.26
C HIS I 103 14.18 28.70 6.28
N GLN I 104 14.81 27.81 5.50
CA GLN I 104 15.89 28.20 4.60
C GLN I 104 15.33 28.97 3.41
N ARG I 105 16.11 29.92 2.91
CA ARG I 105 15.67 30.68 1.75
C ARG I 105 16.20 30.01 0.50
N GLN I 106 17.23 29.18 0.68
CA GLN I 106 17.86 28.42 -0.39
C GLN I 106 18.74 27.35 0.25
N ASP I 107 19.24 26.42 -0.56
CA ASP I 107 20.04 25.32 -0.04
C ASP I 107 21.36 25.82 0.55
N GLY I 108 21.76 25.20 1.66
CA GLY I 108 23.06 25.49 2.26
C GLY I 108 24.18 24.87 1.44
N THR I 109 25.43 25.16 1.80
CA THR I 109 26.58 24.54 1.14
C THR I 109 27.56 24.09 2.19
N VAL I 110 28.44 23.16 1.81
CA VAL I 110 29.45 22.63 2.72
C VAL I 110 30.72 22.38 1.93
N VAL I 111 31.88 22.76 2.48
CA VAL I 111 33.16 22.43 1.85
C VAL I 111 33.97 21.68 2.90
N LEU I 112 34.56 20.56 2.48
CA LEU I 112 35.46 19.78 3.38
C LEU I 112 36.89 20.05 2.90
N ASP I 114 41.47 20.22 3.55
CA ASP I 114 42.76 19.93 4.15
C ASP I 114 43.56 21.23 4.39
N ALA I 115 44.42 21.27 5.40
CA ALA I 115 45.31 22.41 5.56
C ALA I 115 46.37 22.39 4.44
N VAL I 116 46.73 23.57 3.94
CA VAL I 116 47.86 23.71 2.99
C VAL I 116 49.13 23.92 3.84
N PRO I 117 50.11 23.00 3.74
CA PRO I 117 51.37 23.06 4.51
C PRO I 117 52.18 24.36 4.35
#